data_6E4X
#
_entry.id   6E4X
#
_cell.length_a   115.740
_cell.length_b   163.480
_cell.length_c   136.370
_cell.angle_alpha   90.00
_cell.angle_beta   90.00
_cell.angle_gamma   90.00
#
_symmetry.space_group_name_H-M   'C 2 2 21'
#
loop_
_entity.id
_entity.type
_entity.pdbx_description
1 polymer Hemagglutinin
2 polymer 'S5V2-29 light chain'
3 polymer 'S5V2-29 heavy chain'
4 branched alpha-D-mannopyranose-(1-3)-beta-D-mannopyranose-(1-4)-2-acetamido-2-deoxy-beta-D-glucopyranose-(1-4)-[alpha-L-fucopyranose-(1-6)]2-acetamido-2-deoxy-beta-D-glucopyranose
5 branched beta-D-mannopyranose-(1-4)-2-acetamido-2-deoxy-beta-D-glucopyranose-(1-4)-2-acetamido-2-deoxy-beta-D-glucopyranose
6 branched beta-D-mannopyranose-(1-4)-2-acetamido-2-deoxy-beta-D-glucopyranose-(1-4)-[alpha-L-fucopyranose-(1-3)]2-acetamido-2-deoxy-beta-D-glucopyranose
7 non-polymer 2-acetamido-2-deoxy-beta-D-glucopyranose
8 non-polymer GLYCEROL
9 water water
#
loop_
_entity_poly.entity_id
_entity_poly.type
_entity_poly.pdbx_seq_one_letter_code
_entity_poly.pdbx_strand_id
1 'polypeptide(L)'
;TNATELVQNSSIGEICDSPHQILDGENCTLIDALLGDPQCDGFQNKKWDLFVERSKAYSNCYPYDVPDYASLRSLVASSG
TLEFNNESFNWNGVTQNGTSSACIRRSNNSFFSRLNWLTHLNFKYPALNVTMPNNEQFDKLYIWGVHHPVTDKDQIFLYA
QPSGRITVSTKRSQQAVIPNIGFRPRIRNIPSRISIYWTIVKPGDILLINSTGNLIAPRGYFKIRSGKSSIMRSDAPIGK
CKSECITPNGSIPNDKPFQNVNRITYGACPRYVKQSTLKLATGGALEVLFQ
;
B
2 'polypeptide(L)'
;DIQMTQTPSSLSASVGDRVTITCRASQSIGASLNWYQQKPGEAPKFLIYAASNLQSGVPSRFSGSGSGTDFTLTISSLQP
EDFATYYCQQQGTFGQGTKLEIKRTVAAPSVFIFPPSDEQLKSGTASVVCLLNNFYPREAKVQWKVDNALQSGNSQESVT
EQDSKDSTYSLSSTLTLSKADYEKHKVYACEVTHQGLSSPVTKSFNRGEC
;
Y
3 'polypeptide(L)'
;QVQLQESGPGLVKPSETLSLTCTVSGGSVSSNIYYWSWIRQTPGKGLEWLGYFYHSGSSNYNPSLKSRVTISGDMSKNQF
SLKLKSVTAADTAIYYCARGGVENLMLVAVIQEMWYFDLWGRGTLVTVSGASTKGPSVFPLAPSSKSTSGGTAALGCLVK
DYFPEPVTVSWNSGALTSGVHTFPAVLQSSGLYSLSSVVTVPSSSLGTQTYICNVNHKPSNTKVDKRVEPKSCDKHHHHH
H
;
Z
#
loop_
_chem_comp.id
_chem_comp.type
_chem_comp.name
_chem_comp.formula
BMA D-saccharide, beta linking beta-D-mannopyranose 'C6 H12 O6'
FUC L-saccharide, alpha linking alpha-L-fucopyranose 'C6 H12 O5'
GOL non-polymer GLYCEROL 'C3 H8 O3'
MAN D-saccharide, alpha linking alpha-D-mannopyranose 'C6 H12 O6'
NAG D-saccharide, beta linking 2-acetamido-2-deoxy-beta-D-glucopyranose 'C8 H15 N O6'
#
# COMPACT_ATOMS: atom_id res chain seq x y z
N THR A 1 43.81 -16.44 -43.12
CA THR A 1 43.73 -15.35 -44.09
C THR A 1 42.64 -14.35 -43.70
N ASN A 2 42.01 -14.58 -42.55
CA ASN A 2 41.06 -13.61 -42.02
C ASN A 2 41.75 -12.27 -41.82
N ALA A 3 41.01 -11.20 -42.09
CA ALA A 3 41.52 -9.86 -41.80
C ALA A 3 41.63 -9.67 -40.28
N THR A 4 42.59 -8.84 -39.89
CA THR A 4 42.87 -8.65 -38.46
C THR A 4 41.68 -8.02 -37.76
N GLU A 5 41.22 -8.67 -36.69
CA GLU A 5 40.30 -8.06 -35.73
C GLU A 5 40.83 -8.36 -34.35
N LEU A 6 41.19 -7.31 -33.62
CA LEU A 6 41.80 -7.45 -32.30
C LEU A 6 40.77 -7.40 -31.17
N VAL A 7 39.50 -7.20 -31.48
CA VAL A 7 38.45 -7.08 -30.48
C VAL A 7 37.59 -8.34 -30.52
N GLN A 8 37.52 -9.04 -29.39
CA GLN A 8 36.60 -10.16 -29.25
C GLN A 8 35.18 -9.63 -29.07
N ASN A 9 34.28 -10.04 -29.96
CA ASN A 9 32.96 -9.43 -30.07
C ASN A 9 31.83 -10.29 -29.52
N SER A 10 32.02 -11.59 -29.40
CA SER A 10 30.92 -12.51 -29.12
C SER A 10 31.31 -13.48 -28.02
N SER A 11 30.30 -13.97 -27.31
CA SER A 11 30.46 -15.00 -26.30
C SER A 11 29.66 -16.24 -26.68
N ILE A 12 29.99 -17.36 -26.04
CA ILE A 12 29.37 -18.65 -26.35
C ILE A 12 28.03 -18.73 -25.63
N GLY A 13 27.72 -17.69 -24.85
CA GLY A 13 26.46 -17.60 -24.13
C GLY A 13 26.42 -18.38 -22.83
N GLU A 14 27.38 -19.26 -22.57
CA GLU A 14 27.42 -20.02 -21.33
C GLU A 14 28.76 -19.81 -20.65
N ILE A 15 28.81 -20.16 -19.37
CA ILE A 15 30.02 -20.03 -18.56
C ILE A 15 30.58 -21.42 -18.33
N CYS A 16 31.82 -21.64 -18.77
CA CYS A 16 32.43 -22.96 -18.72
C CYS A 16 32.87 -23.30 -17.30
N ASP A 17 32.66 -24.56 -16.91
CA ASP A 17 32.99 -25.03 -15.58
C ASP A 17 34.47 -25.39 -15.42
N SER A 18 35.28 -25.16 -16.44
CA SER A 18 36.72 -25.39 -16.38
C SER A 18 37.43 -24.22 -17.04
N PRO A 19 38.62 -23.86 -16.56
CA PRO A 19 39.37 -24.50 -15.48
C PRO A 19 39.03 -23.98 -14.06
N HIS A 20 38.33 -22.84 -13.98
CA HIS A 20 38.01 -22.27 -12.68
C HIS A 20 36.86 -23.02 -12.02
N GLN A 21 36.95 -23.17 -10.69
CA GLN A 21 35.90 -23.85 -9.94
C GLN A 21 34.73 -22.90 -9.77
N ILE A 22 33.60 -23.21 -10.43
CA ILE A 22 32.43 -22.37 -10.44
C ILE A 22 31.43 -22.89 -9.42
N LEU A 23 30.91 -22.00 -8.58
CA LEU A 23 29.83 -22.32 -7.67
C LEU A 23 28.61 -21.53 -8.09
N ASP A 24 27.58 -22.22 -8.57
CA ASP A 24 26.34 -21.61 -9.04
C ASP A 24 25.41 -21.42 -7.85
N GLY A 25 25.09 -20.16 -7.53
CA GLY A 25 24.22 -19.90 -6.39
C GLY A 25 22.80 -20.39 -6.59
N GLU A 26 22.37 -20.51 -7.85
CA GLU A 26 21.00 -20.89 -8.19
C GLU A 26 20.00 -19.97 -7.50
N ASN A 27 19.28 -20.49 -6.50
CA ASN A 27 18.27 -19.74 -5.77
C ASN A 27 18.83 -18.97 -4.57
N CYS A 28 20.14 -19.11 -4.30
CA CYS A 28 20.74 -18.60 -3.07
C CYS A 28 21.77 -17.52 -3.41
N THR A 29 21.59 -16.34 -2.85
CA THR A 29 22.67 -15.37 -2.81
C THR A 29 23.79 -15.89 -1.90
N LEU A 30 24.98 -15.32 -2.06
CA LEU A 30 26.09 -15.70 -1.19
C LEU A 30 25.77 -15.41 0.28
N ILE A 31 25.16 -14.25 0.56
CA ILE A 31 24.84 -13.89 1.93
C ILE A 31 23.88 -14.90 2.55
N ASP A 32 22.84 -15.31 1.79
CA ASP A 32 21.90 -16.29 2.31
C ASP A 32 22.59 -17.64 2.57
N ALA A 33 23.50 -18.04 1.69
CA ALA A 33 24.27 -19.26 1.94
C ALA A 33 25.23 -19.08 3.11
N LEU A 34 25.74 -17.86 3.30
CA LEU A 34 26.58 -17.57 4.45
C LEU A 34 25.80 -17.70 5.75
N LEU A 35 24.64 -17.06 5.83
CA LEU A 35 23.87 -17.09 7.08
C LEU A 35 23.29 -18.47 7.34
N GLY A 36 22.93 -19.21 6.29
CA GLY A 36 22.39 -20.54 6.44
C GLY A 36 20.89 -20.61 6.27
N ASP A 37 20.37 -19.90 5.28
CA ASP A 37 18.99 -20.09 4.87
C ASP A 37 18.75 -21.57 4.57
N PRO A 38 17.65 -22.16 5.06
CA PRO A 38 17.44 -23.62 4.88
C PRO A 38 17.53 -24.09 3.44
N GLN A 39 17.06 -23.31 2.47
CA GLN A 39 17.16 -23.71 1.08
C GLN A 39 18.59 -23.71 0.57
N CYS A 40 19.53 -23.21 1.37
CA CYS A 40 20.93 -23.06 1.00
C CYS A 40 21.84 -24.02 1.76
N ASP A 41 21.26 -25.03 2.43
CA ASP A 41 22.05 -25.95 3.24
C ASP A 41 23.06 -26.72 2.40
N GLY A 42 22.76 -26.96 1.12
CA GLY A 42 23.68 -27.66 0.26
C GLY A 42 24.98 -26.92 -0.02
N PHE A 43 25.06 -25.64 0.38
CA PHE A 43 26.23 -24.81 0.15
C PHE A 43 27.21 -24.81 1.32
N GLN A 44 26.88 -25.48 2.41
CA GLN A 44 27.73 -25.45 3.60
C GLN A 44 29.16 -25.88 3.27
N ASN A 45 30.13 -25.10 3.73
CA ASN A 45 31.56 -25.41 3.64
C ASN A 45 32.04 -25.60 2.20
N LYS A 46 31.32 -25.07 1.22
CA LYS A 46 31.77 -25.19 -0.16
C LYS A 46 32.81 -24.12 -0.47
N LYS A 47 33.59 -24.40 -1.53
CA LYS A 47 34.68 -23.55 -1.97
C LYS A 47 34.43 -23.13 -3.43
N TRP A 48 35.11 -22.07 -3.86
CA TRP A 48 34.91 -21.60 -5.23
C TRP A 48 36.05 -20.67 -5.63
N ASP A 49 36.31 -20.64 -6.94
CA ASP A 49 37.06 -19.57 -7.56
C ASP A 49 36.14 -18.43 -7.98
N LEU A 50 34.97 -18.76 -8.51
CA LEU A 50 33.99 -17.74 -8.91
C LEU A 50 32.62 -18.20 -8.46
N PHE A 51 31.99 -17.41 -7.58
CA PHE A 51 30.61 -17.62 -7.19
C PHE A 51 29.72 -16.85 -8.16
N VAL A 52 28.68 -17.50 -8.67
CA VAL A 52 27.79 -16.91 -9.66
C VAL A 52 26.43 -16.69 -9.04
N GLU A 53 25.99 -15.44 -8.96
CA GLU A 53 24.71 -15.08 -8.37
C GLU A 53 23.67 -14.85 -9.46
N ARG A 54 22.46 -15.35 -9.22
CA ARG A 54 21.39 -15.37 -10.20
C ARG A 54 20.32 -14.34 -9.86
N SER A 55 19.70 -13.78 -10.91
CA SER A 55 18.59 -12.85 -10.72
C SER A 55 17.44 -13.49 -9.97
N LYS A 56 17.22 -14.80 -10.17
CA LYS A 56 16.10 -15.51 -9.58
C LYS A 56 16.29 -15.81 -8.10
N ALA A 57 17.48 -15.58 -7.55
CA ALA A 57 17.73 -15.93 -6.15
C ALA A 57 16.78 -15.21 -5.23
N TYR A 58 16.41 -15.87 -4.13
CA TYR A 58 15.47 -15.26 -3.20
C TYR A 58 15.73 -15.77 -1.79
N SER A 59 15.25 -15.01 -0.80
CA SER A 59 15.35 -15.36 0.61
C SER A 59 14.06 -16.03 1.06
N ASN A 60 14.19 -17.04 1.92
CA ASN A 60 13.06 -17.80 2.43
C ASN A 60 13.21 -18.06 3.92
N CYS A 61 13.67 -17.04 4.65
CA CYS A 61 13.87 -17.18 6.10
C CYS A 61 13.38 -15.93 6.80
N TYR A 62 13.93 -15.63 7.97
CA TYR A 62 13.51 -14.45 8.71
C TYR A 62 13.89 -13.20 7.95
N PRO A 63 12.97 -12.24 7.75
CA PRO A 63 13.31 -11.03 7.01
C PRO A 63 14.41 -10.25 7.69
N TYR A 64 15.41 -9.85 6.91
CA TYR A 64 16.59 -9.22 7.47
C TYR A 64 17.13 -8.18 6.49
N ASP A 65 18.02 -7.32 6.99
CA ASP A 65 18.79 -6.42 6.16
C ASP A 65 20.25 -6.45 6.61
N VAL A 66 21.13 -6.02 5.72
CA VAL A 66 22.57 -5.96 6.00
C VAL A 66 23.08 -4.54 5.71
N PRO A 67 23.29 -3.72 6.74
CA PRO A 67 23.70 -2.32 6.49
C PRO A 67 24.93 -2.16 5.60
N ASP A 68 26.01 -2.89 5.84
CA ASP A 68 27.14 -2.85 4.91
C ASP A 68 27.19 -4.15 4.10
N TYR A 69 26.20 -4.25 3.21
CA TYR A 69 26.00 -5.47 2.44
C TYR A 69 27.17 -5.73 1.50
N ALA A 70 27.57 -4.71 0.74
CA ALA A 70 28.59 -4.91 -0.29
C ALA A 70 29.91 -5.36 0.30
N SER A 71 30.31 -4.79 1.44
CA SER A 71 31.59 -5.14 2.03
C SER A 71 31.59 -6.57 2.56
N LEU A 72 30.49 -7.00 3.21
CA LEU A 72 30.40 -8.37 3.66
C LEU A 72 30.36 -9.34 2.48
N ARG A 73 29.55 -9.03 1.46
CA ARG A 73 29.53 -9.86 0.26
C ARG A 73 30.92 -9.99 -0.35
N SER A 74 31.66 -8.87 -0.42
CA SER A 74 32.99 -8.90 -1.00
C SER A 74 33.99 -9.63 -0.10
N LEU A 75 33.85 -9.52 1.22
CA LEU A 75 34.74 -10.22 2.14
C LEU A 75 34.70 -11.73 1.91
N VAL A 76 33.49 -12.30 1.87
CA VAL A 76 33.37 -13.74 1.71
C VAL A 76 33.75 -14.16 0.29
N ALA A 77 33.29 -13.42 -0.71
CA ALA A 77 33.56 -13.79 -2.10
C ALA A 77 35.06 -13.93 -2.37
N SER A 78 35.87 -13.04 -1.78
CA SER A 78 37.30 -13.06 -2.06
C SER A 78 38.02 -14.15 -1.29
N SER A 79 37.44 -14.60 -0.17
CA SER A 79 38.05 -15.71 0.54
C SER A 79 37.85 -17.02 -0.21
N GLY A 80 36.78 -17.12 -0.99
CA GLY A 80 36.53 -18.30 -1.80
C GLY A 80 36.05 -19.51 -1.05
N THR A 81 35.63 -19.36 0.20
CA THR A 81 35.23 -20.53 0.98
C THR A 81 34.11 -20.14 1.93
N LEU A 82 33.22 -21.10 2.18
CA LEU A 82 32.17 -20.97 3.19
C LEU A 82 32.45 -21.84 4.40
N GLU A 83 33.68 -22.36 4.54
CA GLU A 83 33.98 -23.29 5.62
C GLU A 83 33.75 -22.63 6.96
N PHE A 84 32.88 -23.25 7.76
CA PHE A 84 32.48 -22.73 9.06
C PHE A 84 33.08 -23.59 10.16
N ASN A 85 33.63 -22.92 11.18
CA ASN A 85 34.20 -23.61 12.33
C ASN A 85 33.37 -23.25 13.57
N ASN A 86 32.63 -24.23 14.07
CA ASN A 86 31.83 -24.02 15.27
C ASN A 86 32.72 -23.74 16.46
N GLU A 87 32.26 -22.85 17.34
CA GLU A 87 32.93 -22.55 18.59
C GLU A 87 31.91 -22.57 19.71
N SER A 88 32.34 -23.05 20.89
CA SER A 88 31.43 -23.20 22.02
C SER A 88 31.49 -21.94 22.88
N PHE A 89 30.59 -21.01 22.61
CA PHE A 89 30.43 -19.86 23.49
C PHE A 89 29.71 -20.29 24.76
N ASN A 90 29.99 -19.57 25.85
CA ASN A 90 29.35 -19.84 27.14
C ASN A 90 28.14 -18.94 27.27
N TRP A 91 26.98 -19.43 26.81
CA TRP A 91 25.73 -18.68 26.91
C TRP A 91 24.95 -19.10 28.15
N ASN A 92 25.54 -18.87 29.32
CA ASN A 92 24.90 -19.26 30.57
C ASN A 92 23.82 -18.25 30.94
N GLY A 93 22.62 -18.75 31.24
CA GLY A 93 21.54 -17.92 31.71
C GLY A 93 20.52 -17.50 30.67
N VAL A 94 20.66 -17.96 29.42
CA VAL A 94 19.72 -17.61 28.37
C VAL A 94 19.28 -18.88 27.65
N THR A 95 18.14 -18.79 26.97
CA THR A 95 17.64 -19.89 26.16
C THR A 95 18.22 -19.76 24.75
N GLN A 96 18.75 -20.87 24.22
CA GLN A 96 19.40 -20.88 22.92
C GLN A 96 18.46 -21.45 21.85
N ASN A 97 18.89 -21.28 20.60
CA ASN A 97 18.31 -21.99 19.45
C ASN A 97 16.86 -21.61 19.21
N GLY A 98 16.58 -20.30 19.25
CA GLY A 98 15.26 -19.83 18.87
C GLY A 98 14.94 -20.14 17.42
N THR A 99 13.66 -20.41 17.16
CA THR A 99 13.17 -20.80 15.85
C THR A 99 11.97 -19.94 15.47
N SER A 100 11.61 -19.99 14.19
CA SER A 100 10.51 -19.18 13.67
C SER A 100 9.78 -19.94 12.57
N SER A 101 8.51 -19.57 12.39
CA SER A 101 7.71 -20.16 11.34
C SER A 101 7.99 -19.56 9.96
N ALA A 102 8.72 -18.44 9.90
CA ALA A 102 9.14 -17.87 8.62
C ALA A 102 10.34 -18.56 8.03
N CYS A 103 10.92 -19.53 8.75
CA CYS A 103 12.18 -20.16 8.36
C CYS A 103 12.00 -21.67 8.61
N ILE A 104 11.35 -22.33 7.66
CA ILE A 104 11.06 -23.75 7.77
C ILE A 104 12.24 -24.55 7.24
N ARG A 105 12.72 -25.51 8.03
CA ARG A 105 13.71 -26.48 7.59
C ARG A 105 13.18 -27.87 7.89
N ARG A 106 13.02 -28.69 6.85
CA ARG A 106 12.50 -30.05 6.97
C ARG A 106 11.16 -30.06 7.71
N SER A 107 10.24 -29.20 7.24
CA SER A 107 8.87 -29.15 7.74
C SER A 107 8.81 -28.85 9.24
N ASN A 108 9.73 -28.01 9.71
CA ASN A 108 9.76 -27.61 11.11
C ASN A 108 10.21 -26.17 11.22
N ASN A 109 9.74 -25.49 12.27
CA ASN A 109 10.24 -24.16 12.59
C ASN A 109 11.74 -24.22 12.80
N SER A 110 12.46 -23.28 12.22
CA SER A 110 13.91 -23.31 12.26
C SER A 110 14.43 -21.89 12.18
N PHE A 111 15.71 -21.74 11.84
CA PHE A 111 16.39 -20.46 11.85
C PHE A 111 17.67 -20.60 11.04
N PHE A 112 18.35 -19.49 10.81
CA PHE A 112 19.64 -19.54 10.14
C PHE A 112 20.55 -20.53 10.84
N SER A 113 21.19 -21.40 10.06
CA SER A 113 21.99 -22.47 10.65
C SER A 113 23.21 -21.92 11.37
N ARG A 114 23.75 -20.79 10.93
CA ARG A 114 24.98 -20.24 11.50
C ARG A 114 24.72 -19.22 12.59
N LEU A 115 23.47 -18.94 12.92
CA LEU A 115 23.13 -17.94 13.92
C LEU A 115 22.35 -18.58 15.07
N ASN A 116 22.42 -17.94 16.23
CA ASN A 116 21.85 -18.48 17.46
C ASN A 116 20.96 -17.42 18.10
N TRP A 117 19.64 -17.62 18.01
CA TRP A 117 18.67 -16.69 18.57
C TRP A 117 18.55 -16.94 20.07
N LEU A 118 19.12 -16.05 20.87
CA LEU A 118 19.09 -16.18 22.32
C LEU A 118 17.90 -15.43 22.88
N THR A 119 17.18 -16.06 23.80
CA THR A 119 16.05 -15.44 24.49
C THR A 119 16.20 -15.66 26.00
N HIS A 120 15.29 -15.07 26.76
CA HIS A 120 15.39 -15.16 28.22
C HIS A 120 15.25 -16.60 28.68
N LEU A 121 15.70 -16.84 29.92
CA LEU A 121 15.58 -18.13 30.59
C LEU A 121 14.91 -17.89 31.94
N ASN A 122 13.69 -18.41 32.09
CA ASN A 122 12.89 -18.17 33.30
C ASN A 122 12.71 -16.67 33.56
N PHE A 123 12.50 -15.91 32.47
CA PHE A 123 12.22 -14.48 32.52
C PHE A 123 13.38 -13.69 33.13
N LYS A 124 14.60 -14.17 32.92
CA LYS A 124 15.82 -13.47 33.28
C LYS A 124 16.75 -13.53 32.10
N TYR A 125 17.22 -12.36 31.65
CA TYR A 125 18.22 -12.24 30.60
C TYR A 125 19.40 -11.51 31.22
N PRO A 126 20.40 -12.22 31.72
CA PRO A 126 21.52 -11.56 32.37
C PRO A 126 22.37 -10.78 31.39
N ALA A 127 23.18 -9.88 31.92
CA ALA A 127 24.14 -9.14 31.11
C ALA A 127 25.23 -10.11 30.67
N LEU A 128 25.17 -10.54 29.41
CA LEU A 128 26.13 -11.50 28.90
C LEU A 128 27.45 -10.82 28.56
N ASN A 129 28.55 -11.48 28.91
CA ASN A 129 29.88 -11.06 28.47
C ASN A 129 30.68 -12.33 28.19
N VAL A 130 30.97 -12.57 26.91
CA VAL A 130 31.70 -13.76 26.49
C VAL A 130 32.90 -13.34 25.65
N THR A 131 33.94 -14.16 25.68
CA THR A 131 35.17 -13.89 24.93
C THR A 131 35.53 -15.10 24.09
N MET A 132 36.15 -14.83 22.94
CA MET A 132 36.67 -15.88 22.05
C MET A 132 38.04 -15.45 21.55
N PRO A 133 39.09 -16.24 21.83
CA PRO A 133 40.45 -15.67 21.80
C PRO A 133 41.14 -15.61 20.43
N ASN A 134 40.73 -16.38 19.43
CA ASN A 134 41.48 -16.47 18.17
C ASN A 134 42.96 -16.77 18.36
N ASN A 135 43.30 -18.05 18.48
CA ASN A 135 44.69 -18.47 18.57
C ASN A 135 45.27 -18.87 17.22
N GLU A 136 44.53 -18.67 16.14
CA GLU A 136 44.97 -19.09 14.82
C GLU A 136 45.89 -18.04 14.20
N GLN A 137 46.39 -18.34 12.99
CA GLN A 137 47.25 -17.43 12.25
C GLN A 137 46.55 -16.81 11.05
N PHE A 138 45.22 -16.88 11.01
CA PHE A 138 44.42 -16.25 9.97
C PHE A 138 43.36 -15.38 10.64
N ASP A 139 42.79 -14.47 9.85
CA ASP A 139 41.69 -13.64 10.34
C ASP A 139 40.42 -14.47 10.49
N LYS A 140 39.62 -14.11 11.50
CA LYS A 140 38.32 -14.73 11.72
C LYS A 140 37.23 -13.73 11.39
N LEU A 141 36.18 -14.20 10.71
CA LEU A 141 35.01 -13.40 10.39
C LEU A 141 33.83 -13.93 11.18
N TYR A 142 33.25 -13.08 12.03
CA TYR A 142 32.09 -13.43 12.85
C TYR A 142 30.87 -12.72 12.33
N ILE A 143 29.80 -13.47 12.10
CA ILE A 143 28.52 -12.93 11.65
C ILE A 143 27.55 -12.95 12.81
N TRP A 144 26.94 -11.81 13.12
CA TRP A 144 25.97 -11.72 14.20
C TRP A 144 24.87 -10.74 13.78
N GLY A 145 23.91 -10.54 14.67
CA GLY A 145 22.80 -9.68 14.28
C GLY A 145 22.06 -9.13 15.48
N VAL A 146 21.12 -8.24 15.17
CA VAL A 146 20.27 -7.60 16.16
C VAL A 146 18.82 -7.80 15.73
N HIS A 147 17.98 -8.25 16.67
CA HIS A 147 16.57 -8.48 16.40
C HIS A 147 15.77 -7.24 16.80
N HIS A 148 14.91 -6.78 15.90
CA HIS A 148 14.05 -5.62 16.14
C HIS A 148 12.63 -6.11 16.38
N PRO A 149 12.19 -6.21 17.63
CA PRO A 149 10.82 -6.66 17.89
C PRO A 149 9.79 -5.65 17.41
N VAL A 150 8.56 -6.13 17.28
CA VAL A 150 7.52 -5.31 16.68
C VAL A 150 6.81 -4.40 17.70
N THR A 151 6.75 -4.80 18.98
CA THR A 151 6.15 -3.99 20.04
C THR A 151 6.96 -4.15 21.32
N ASP A 152 6.64 -3.32 22.30
CA ASP A 152 7.25 -3.47 23.62
C ASP A 152 6.87 -4.82 24.24
N LYS A 153 5.63 -5.26 24.05
CA LYS A 153 5.21 -6.56 24.53
C LYS A 153 6.08 -7.67 23.94
N ASP A 154 6.35 -7.60 22.64
CA ASP A 154 7.24 -8.58 22.00
C ASP A 154 8.63 -8.54 22.62
N GLN A 155 9.19 -7.34 22.77
CA GLN A 155 10.50 -7.18 23.40
C GLN A 155 10.54 -7.81 24.79
N ILE A 156 9.49 -7.60 25.58
CA ILE A 156 9.46 -8.12 26.94
C ILE A 156 9.36 -9.65 26.94
N PHE A 157 8.45 -10.20 26.14
CA PHE A 157 8.26 -11.65 26.14
C PHE A 157 9.47 -12.39 25.62
N LEU A 158 10.25 -11.77 24.74
CA LEU A 158 11.43 -12.44 24.20
C LEU A 158 12.65 -12.31 25.09
N TYR A 159 12.89 -11.12 25.66
CA TYR A 159 14.16 -10.83 26.29
C TYR A 159 14.07 -10.39 27.75
N ALA A 160 12.86 -10.29 28.31
CA ALA A 160 12.67 -9.90 29.70
C ALA A 160 13.48 -8.64 30.03
N GLN A 161 13.51 -7.71 29.08
CA GLN A 161 14.35 -6.52 29.13
C GLN A 161 13.76 -5.49 28.18
N PRO A 162 13.37 -4.31 28.68
CA PRO A 162 12.77 -3.31 27.78
C PRO A 162 13.76 -2.68 26.80
N SER A 163 15.05 -2.63 27.14
CA SER A 163 16.04 -1.91 26.32
C SER A 163 17.28 -2.79 26.13
N GLY A 164 17.27 -3.61 25.09
CA GLY A 164 18.43 -4.43 24.79
C GLY A 164 19.56 -3.58 24.24
N ARG A 165 20.78 -3.96 24.58
CA ARG A 165 21.98 -3.28 24.11
C ARG A 165 23.01 -4.33 23.76
N ILE A 166 23.68 -4.14 22.63
CA ILE A 166 24.68 -5.09 22.15
C ILE A 166 25.97 -4.33 21.85
N THR A 167 27.09 -4.85 22.35
CA THR A 167 28.40 -4.34 22.01
C THR A 167 29.30 -5.51 21.65
N VAL A 168 29.95 -5.44 20.49
CA VAL A 168 30.90 -6.44 20.02
C VAL A 168 32.23 -5.72 19.82
N SER A 169 33.26 -6.18 20.54
CA SER A 169 34.53 -5.50 20.56
C SER A 169 35.69 -6.47 20.36
N THR A 170 36.80 -5.91 19.91
CA THR A 170 38.11 -6.52 19.95
C THR A 170 39.05 -5.50 20.55
N LYS A 171 40.34 -5.86 20.64
CA LYS A 171 41.33 -4.85 21.03
C LYS A 171 41.41 -3.72 20.01
N ARG A 172 40.95 -3.94 18.78
CA ARG A 172 41.09 -3.00 17.69
C ARG A 172 39.84 -2.18 17.42
N SER A 173 38.65 -2.65 17.81
CA SER A 173 37.43 -2.01 17.35
C SER A 173 36.30 -2.22 18.35
N GLN A 174 35.24 -1.45 18.15
CA GLN A 174 34.05 -1.52 19.00
C GLN A 174 32.82 -1.22 18.16
N GLN A 175 31.81 -2.07 18.27
CA GLN A 175 30.56 -1.94 17.54
C GLN A 175 29.41 -2.04 18.53
N ALA A 176 28.58 -1.01 18.59
CA ALA A 176 27.44 -0.94 19.49
C ALA A 176 26.17 -0.73 18.68
N VAL A 177 25.14 -1.51 18.98
CA VAL A 177 23.89 -1.45 18.23
C VAL A 177 22.73 -1.41 19.22
N ILE A 178 21.68 -0.69 18.84
CA ILE A 178 20.48 -0.55 19.64
C ILE A 178 19.30 -1.03 18.80
N PRO A 179 18.47 -1.94 19.30
CA PRO A 179 17.30 -2.38 18.53
C PRO A 179 16.30 -1.25 18.35
N ASN A 180 15.56 -1.31 17.24
CA ASN A 180 14.52 -0.33 16.93
C ASN A 180 13.18 -1.05 16.95
N ILE A 181 12.41 -0.85 18.01
CA ILE A 181 11.12 -1.48 18.18
C ILE A 181 10.08 -0.74 17.34
N GLY A 182 9.28 -1.49 16.59
CA GLY A 182 8.25 -0.87 15.76
C GLY A 182 7.74 -1.85 14.73
N PHE A 183 6.62 -1.46 14.12
CA PHE A 183 5.97 -2.30 13.11
C PHE A 183 6.60 -2.09 11.75
N ARG A 184 7.00 -3.17 11.10
CA ARG A 184 7.34 -3.19 9.70
C ARG A 184 6.28 -3.96 8.93
N PRO A 185 6.20 -3.79 7.61
CA PRO A 185 5.26 -4.62 6.83
C PRO A 185 5.61 -6.09 6.99
N ARG A 186 4.58 -6.92 6.95
CA ARG A 186 4.78 -8.36 7.11
C ARG A 186 5.51 -8.90 5.89
N ILE A 187 6.65 -9.57 6.13
CA ILE A 187 7.32 -10.41 5.15
C ILE A 187 7.11 -11.84 5.59
N ARG A 188 6.46 -12.65 4.76
CA ARG A 188 6.09 -14.01 5.14
C ARG A 188 5.42 -14.01 6.52
N ASN A 189 4.52 -13.05 6.70
CA ASN A 189 3.72 -12.84 7.92
C ASN A 189 4.55 -12.42 9.12
N ILE A 190 5.78 -11.95 8.92
CA ILE A 190 6.62 -11.51 10.02
C ILE A 190 6.77 -9.99 9.93
N PRO A 191 6.27 -9.22 10.90
CA PRO A 191 6.49 -7.76 10.89
C PRO A 191 7.74 -7.30 11.60
N SER A 192 8.53 -8.23 12.15
CA SER A 192 9.80 -7.90 12.77
C SER A 192 10.93 -8.00 11.74
N ARG A 193 12.14 -7.63 12.18
CA ARG A 193 13.30 -7.56 11.30
C ARG A 193 14.55 -7.92 12.08
N ILE A 194 15.55 -8.37 11.33
CA ILE A 194 16.88 -8.60 11.88
C ILE A 194 17.87 -7.80 11.05
N SER A 195 18.84 -7.17 11.72
CA SER A 195 19.94 -6.49 11.05
C SER A 195 21.21 -7.30 11.27
N ILE A 196 21.93 -7.59 10.18
CA ILE A 196 23.11 -8.45 10.22
C ILE A 196 24.37 -7.58 10.22
N TYR A 197 25.31 -7.91 11.11
CA TYR A 197 26.58 -7.23 11.20
C TYR A 197 27.71 -8.26 11.22
N TRP A 198 28.94 -7.78 11.02
CA TRP A 198 30.11 -8.65 10.99
C TRP A 198 31.27 -7.99 11.71
N THR A 199 32.18 -8.83 12.20
CA THR A 199 33.36 -8.40 12.93
C THR A 199 34.53 -9.27 12.51
N ILE A 200 35.67 -8.63 12.23
CA ILE A 200 36.91 -9.32 11.92
C ILE A 200 37.74 -9.38 13.19
N VAL A 201 38.29 -10.56 13.50
CA VAL A 201 39.17 -10.75 14.64
C VAL A 201 40.52 -11.19 14.10
N LYS A 202 41.52 -10.31 14.22
CA LYS A 202 42.85 -10.60 13.72
C LYS A 202 43.58 -11.55 14.67
N PRO A 203 44.57 -12.30 14.16
CA PRO A 203 45.29 -13.25 15.02
C PRO A 203 45.92 -12.56 16.22
N GLY A 204 45.71 -13.14 17.39
CA GLY A 204 46.16 -12.56 18.63
C GLY A 204 45.17 -11.65 19.33
N ASP A 205 44.05 -11.35 18.68
CA ASP A 205 43.02 -10.48 19.25
C ASP A 205 41.87 -11.31 19.77
N ILE A 206 41.07 -10.70 20.66
CA ILE A 206 39.98 -11.38 21.35
C ILE A 206 38.66 -10.77 20.92
N LEU A 207 37.67 -11.62 20.69
CA LEU A 207 36.29 -11.17 20.47
C LEU A 207 35.60 -11.02 21.81
N LEU A 208 34.97 -9.87 22.04
CA LEU A 208 34.19 -9.62 23.25
C LEU A 208 32.78 -9.26 22.86
N ILE A 209 31.80 -9.97 23.41
CA ILE A 209 30.39 -9.76 23.11
C ILE A 209 29.67 -9.43 24.41
N ASN A 210 29.11 -8.22 24.49
CA ASN A 210 28.21 -7.81 25.57
C ASN A 210 26.80 -7.68 25.01
N SER A 211 25.82 -8.26 25.70
CA SER A 211 24.44 -8.05 25.29
C SER A 211 23.52 -8.19 26.49
N THR A 212 22.53 -7.31 26.55
CA THR A 212 21.43 -7.41 27.51
C THR A 212 20.12 -7.82 26.85
N GLY A 213 20.15 -8.11 25.57
CA GLY A 213 18.98 -8.60 24.84
C GLY A 213 19.13 -8.33 23.36
N ASN A 214 18.29 -9.01 22.58
CA ASN A 214 18.13 -8.81 21.14
C ASN A 214 19.33 -9.28 20.30
N LEU A 215 20.27 -10.00 20.89
CA LEU A 215 21.44 -10.45 20.16
C LEU A 215 21.12 -11.72 19.38
N ILE A 216 21.35 -11.69 18.07
CA ILE A 216 21.39 -12.89 17.25
C ILE A 216 22.85 -13.35 17.23
N ALA A 217 23.16 -14.39 17.98
CA ALA A 217 24.55 -14.70 18.29
C ALA A 217 25.20 -15.56 17.21
N PRO A 218 26.51 -15.43 17.05
CA PRO A 218 27.23 -16.36 16.16
C PRO A 218 27.45 -17.71 16.82
N ARG A 219 27.65 -18.72 15.97
CA ARG A 219 27.97 -20.07 16.42
C ARG A 219 29.44 -20.41 16.22
N GLY A 220 30.20 -19.51 15.63
CA GLY A 220 31.57 -19.80 15.25
C GLY A 220 32.05 -18.74 14.28
N TYR A 221 33.04 -19.12 13.46
CA TYR A 221 33.67 -18.15 12.58
C TYR A 221 33.87 -18.72 11.18
N PHE A 222 34.12 -17.82 10.24
CA PHE A 222 34.60 -18.14 8.90
C PHE A 222 36.05 -17.69 8.77
N LYS A 223 36.85 -18.49 8.06
CA LYS A 223 38.21 -18.07 7.74
C LYS A 223 38.18 -17.09 6.58
N ILE A 224 38.89 -15.97 6.73
CA ILE A 224 38.84 -14.90 5.74
C ILE A 224 40.24 -14.57 5.28
N ARG A 225 40.35 -14.17 4.00
CA ARG A 225 41.61 -13.81 3.37
C ARG A 225 41.30 -13.09 2.07
N SER A 226 42.17 -12.16 1.70
CA SER A 226 42.00 -11.40 0.46
C SER A 226 42.63 -12.18 -0.68
N GLY A 227 41.97 -13.28 -1.03
CA GLY A 227 42.45 -14.18 -2.06
C GLY A 227 42.08 -13.75 -3.46
N LYS A 228 42.13 -14.72 -4.37
CA LYS A 228 41.88 -14.49 -5.79
C LYS A 228 40.49 -14.92 -6.22
N SER A 229 39.67 -15.45 -5.31
CA SER A 229 38.30 -15.78 -5.68
C SER A 229 37.47 -14.51 -5.83
N SER A 230 36.29 -14.65 -6.44
CA SER A 230 35.44 -13.49 -6.69
C SER A 230 33.99 -13.95 -6.82
N ILE A 231 33.11 -12.97 -7.11
CA ILE A 231 31.69 -13.20 -7.28
C ILE A 231 31.21 -12.39 -8.46
N MET A 232 30.18 -12.89 -9.14
CA MET A 232 29.66 -12.25 -10.33
C MET A 232 28.17 -12.49 -10.42
N ARG A 233 27.43 -11.46 -10.85
CA ARG A 233 26.01 -11.60 -11.13
C ARG A 233 25.84 -11.93 -12.61
N SER A 234 25.12 -13.01 -12.91
CA SER A 234 24.96 -13.44 -14.29
C SER A 234 23.79 -14.40 -14.36
N ASP A 235 23.10 -14.38 -15.50
CA ASP A 235 22.04 -15.33 -15.78
C ASP A 235 22.44 -16.33 -16.86
N ALA A 236 23.72 -16.34 -17.26
CA ALA A 236 24.19 -17.29 -18.25
C ALA A 236 24.35 -18.67 -17.62
N PRO A 237 23.90 -19.72 -18.31
CA PRO A 237 24.02 -21.07 -17.74
C PRO A 237 25.47 -21.52 -17.62
N ILE A 238 25.72 -22.41 -16.68
CA ILE A 238 27.02 -23.06 -16.54
C ILE A 238 27.04 -24.28 -17.46
N GLY A 239 28.01 -24.31 -18.38
CA GLY A 239 28.13 -25.40 -19.32
C GLY A 239 29.42 -26.18 -19.11
N LYS A 240 29.51 -27.33 -19.79
CA LYS A 240 30.71 -28.15 -19.78
C LYS A 240 31.59 -27.70 -20.94
N CYS A 241 32.71 -27.05 -20.61
CA CYS A 241 33.71 -26.61 -21.59
C CYS A 241 34.89 -26.04 -20.81
N LYS A 242 35.92 -25.64 -21.54
CA LYS A 242 37.11 -25.04 -20.96
C LYS A 242 37.32 -23.66 -21.55
N SER A 243 37.39 -22.65 -20.69
CA SER A 243 37.63 -21.28 -21.12
C SER A 243 38.24 -20.52 -19.94
N GLU A 244 39.40 -19.88 -20.19
CA GLU A 244 40.11 -19.24 -19.10
C GLU A 244 39.42 -17.95 -18.66
N CYS A 245 38.64 -17.31 -19.52
CA CYS A 245 38.04 -16.01 -19.24
C CYS A 245 36.53 -16.13 -19.12
N ILE A 246 35.96 -15.38 -18.17
CA ILE A 246 34.54 -15.46 -17.82
C ILE A 246 33.97 -14.05 -17.73
N THR A 247 32.84 -13.82 -18.38
CA THR A 247 32.09 -12.59 -18.29
C THR A 247 30.65 -12.91 -17.90
N PRO A 248 29.90 -11.93 -17.41
CA PRO A 248 28.48 -12.18 -17.10
C PRO A 248 27.68 -12.68 -18.29
N ASN A 249 28.11 -12.38 -19.51
CA ASN A 249 27.44 -12.87 -20.71
C ASN A 249 27.88 -14.28 -21.10
N GLY A 250 28.80 -14.88 -20.36
CA GLY A 250 29.36 -16.18 -20.71
C GLY A 250 30.86 -16.13 -20.88
N SER A 251 31.43 -17.33 -21.03
CA SER A 251 32.87 -17.45 -21.17
C SER A 251 33.33 -16.89 -22.51
N ILE A 252 34.62 -16.59 -22.58
CA ILE A 252 35.21 -15.90 -23.74
C ILE A 252 36.59 -16.46 -24.00
N PRO A 253 36.97 -16.58 -25.28
CA PRO A 253 38.36 -16.92 -25.60
C PRO A 253 39.29 -15.76 -25.30
N ASN A 254 40.54 -16.10 -24.95
CA ASN A 254 41.54 -15.11 -24.56
C ASN A 254 42.70 -15.05 -25.55
N ASP A 255 42.39 -15.13 -26.85
CA ASP A 255 43.41 -15.01 -27.88
C ASP A 255 43.53 -13.59 -28.44
N LYS A 256 42.41 -12.86 -28.54
CA LYS A 256 42.47 -11.48 -28.97
C LYS A 256 42.93 -10.59 -27.82
N PRO A 257 43.63 -9.49 -28.12
CA PRO A 257 44.09 -8.61 -27.04
C PRO A 257 43.00 -7.81 -26.37
N PHE A 258 41.88 -7.55 -27.05
CA PHE A 258 40.85 -6.67 -26.53
C PHE A 258 39.50 -7.36 -26.57
N GLN A 259 38.51 -6.68 -25.98
CA GLN A 259 37.23 -7.30 -25.65
C GLN A 259 36.21 -6.20 -25.47
N ASN A 260 35.01 -6.39 -26.04
CA ASN A 260 33.93 -5.43 -25.86
C ASN A 260 32.65 -6.10 -25.37
N VAL A 261 32.77 -7.25 -24.69
CA VAL A 261 31.60 -7.97 -24.24
C VAL A 261 31.08 -7.41 -22.92
N ASN A 262 31.98 -7.12 -21.98
CA ASN A 262 31.57 -6.70 -20.65
C ASN A 262 32.77 -6.16 -19.88
N ARG A 263 32.57 -5.06 -19.16
CA ARG A 263 33.60 -4.54 -18.27
C ARG A 263 33.96 -5.54 -17.19
N ILE A 264 33.01 -6.36 -16.77
CA ILE A 264 33.21 -7.32 -15.69
C ILE A 264 33.76 -8.61 -16.29
N THR A 265 34.95 -9.01 -15.84
CA THR A 265 35.56 -10.26 -16.29
C THR A 265 36.20 -10.95 -15.09
N TYR A 266 36.48 -12.24 -15.26
CA TYR A 266 37.24 -13.01 -14.30
C TYR A 266 38.18 -13.96 -15.05
N GLY A 267 39.41 -14.08 -14.57
CA GLY A 267 40.41 -14.93 -15.19
C GLY A 267 41.39 -14.15 -16.05
N ALA A 268 42.09 -14.89 -16.90
CA ALA A 268 43.01 -14.29 -17.87
C ALA A 268 42.21 -13.84 -19.08
N CYS A 269 42.05 -12.53 -19.23
CA CYS A 269 41.06 -11.98 -20.15
C CYS A 269 41.65 -10.90 -21.04
N PRO A 270 41.08 -10.69 -22.22
CA PRO A 270 41.43 -9.52 -23.01
C PRO A 270 40.98 -8.24 -22.31
N ARG A 271 41.66 -7.15 -22.62
CA ARG A 271 41.34 -5.86 -22.02
C ARG A 271 40.05 -5.31 -22.62
N TYR A 272 39.16 -4.82 -21.75
CA TYR A 272 37.89 -4.29 -22.23
C TYR A 272 38.08 -2.98 -22.99
N VAL A 273 37.33 -2.85 -24.09
CA VAL A 273 37.16 -1.58 -24.79
C VAL A 273 35.68 -1.44 -25.13
N LYS A 274 35.23 -0.19 -25.24
CA LYS A 274 33.81 0.03 -25.49
C LYS A 274 33.47 -0.28 -26.96
N GLN A 275 32.17 -0.29 -27.24
CA GLN A 275 31.60 -0.65 -28.54
C GLN A 275 32.41 -0.14 -29.74
N ASP B 1 10.03 9.16 -12.70
CA ASP B 1 10.82 8.68 -13.83
C ASP B 1 10.27 7.34 -14.32
N ILE B 2 9.85 6.51 -13.38
CA ILE B 2 9.27 5.22 -13.69
C ILE B 2 7.76 5.37 -13.66
N GLN B 3 7.09 4.88 -14.71
CA GLN B 3 5.64 4.95 -14.80
C GLN B 3 5.07 3.56 -14.92
N MET B 4 3.99 3.31 -14.18
CA MET B 4 3.35 2.01 -14.12
C MET B 4 2.02 2.05 -14.86
N THR B 5 1.69 0.93 -15.50
CA THR B 5 0.44 0.79 -16.25
C THR B 5 -0.38 -0.33 -15.62
N GLN B 6 -1.59 0.01 -15.18
CA GLN B 6 -2.50 -0.95 -14.57
C GLN B 6 -3.57 -1.34 -15.56
N THR B 7 -3.75 -2.64 -15.78
CA THR B 7 -4.76 -3.15 -16.68
C THR B 7 -5.58 -4.22 -15.98
N PRO B 8 -6.91 -4.22 -16.18
CA PRO B 8 -7.63 -3.19 -16.93
C PRO B 8 -8.00 -2.00 -16.07
N SER B 9 -8.57 -0.96 -16.66
CA SER B 9 -9.02 0.18 -15.87
C SER B 9 -10.22 -0.19 -15.01
N SER B 10 -11.09 -1.06 -15.50
CA SER B 10 -12.27 -1.48 -14.77
C SER B 10 -12.70 -2.85 -15.28
N LEU B 11 -13.43 -3.57 -14.45
CA LEU B 11 -13.99 -4.86 -14.85
C LEU B 11 -15.10 -5.24 -13.88
N SER B 12 -15.96 -6.16 -14.35
CA SER B 12 -17.02 -6.74 -13.54
C SER B 12 -16.83 -8.25 -13.49
N ALA B 13 -17.04 -8.82 -12.31
CA ALA B 13 -16.90 -10.26 -12.13
C ALA B 13 -17.93 -10.73 -11.11
N SER B 14 -18.33 -12.00 -11.23
CA SER B 14 -19.34 -12.54 -10.35
C SER B 14 -18.72 -13.00 -9.03
N VAL B 15 -19.58 -13.17 -8.02
CA VAL B 15 -19.14 -13.77 -6.77
C VAL B 15 -18.58 -15.16 -7.04
N GLY B 16 -17.44 -15.47 -6.44
CA GLY B 16 -16.80 -16.75 -6.67
C GLY B 16 -15.83 -16.79 -7.83
N ASP B 17 -15.83 -15.77 -8.68
CA ASP B 17 -14.91 -15.73 -9.81
C ASP B 17 -13.49 -15.43 -9.34
N ARG B 18 -12.52 -15.88 -10.13
CA ARG B 18 -11.13 -15.53 -9.93
C ARG B 18 -10.79 -14.33 -10.80
N VAL B 19 -10.34 -13.25 -10.19
CA VAL B 19 -9.97 -12.03 -10.91
C VAL B 19 -8.48 -11.77 -10.71
N THR B 20 -7.82 -11.34 -11.78
CA THR B 20 -6.41 -10.95 -11.73
C THR B 20 -6.25 -9.55 -12.29
N ILE B 21 -5.51 -8.71 -11.58
CA ILE B 21 -5.21 -7.34 -12.00
C ILE B 21 -3.72 -7.24 -12.25
N THR B 22 -3.35 -6.57 -13.35
CA THR B 22 -1.96 -6.48 -13.76
C THR B 22 -1.44 -5.05 -13.63
N CYS B 23 -0.24 -4.92 -13.08
CA CYS B 23 0.51 -3.68 -13.07
C CYS B 23 1.84 -3.94 -13.77
N ARG B 24 2.21 -3.07 -14.70
CA ARG B 24 3.46 -3.22 -15.44
C ARG B 24 4.28 -1.94 -15.36
N ALA B 25 5.54 -2.06 -14.94
CA ALA B 25 6.45 -0.93 -14.87
C ALA B 25 7.18 -0.75 -16.19
N SER B 26 7.49 0.52 -16.52
CA SER B 26 8.21 0.79 -17.76
C SER B 26 9.65 0.29 -17.69
N GLN B 27 10.24 0.26 -16.50
CA GLN B 27 11.56 -0.32 -16.25
C GLN B 27 11.39 -1.45 -15.24
N SER B 28 12.42 -2.30 -15.14
CA SER B 28 12.45 -3.29 -14.07
C SER B 28 12.46 -2.60 -12.71
N ILE B 29 11.73 -3.17 -11.75
CA ILE B 29 11.70 -2.63 -10.39
C ILE B 29 11.97 -3.76 -9.40
N GLY B 30 12.56 -4.84 -9.88
CA GLY B 30 12.81 -5.98 -9.02
C GLY B 30 11.51 -6.56 -8.52
N ALA B 31 11.33 -6.57 -7.19
CA ALA B 31 10.08 -6.96 -6.57
C ALA B 31 9.49 -5.84 -5.72
N SER B 32 9.86 -4.59 -6.00
CA SER B 32 9.52 -3.46 -5.15
C SER B 32 8.16 -2.89 -5.55
N LEU B 33 7.12 -3.69 -5.33
CA LEU B 33 5.77 -3.30 -5.73
C LEU B 33 4.77 -3.70 -4.65
N ASN B 34 3.86 -2.77 -4.33
CA ASN B 34 2.85 -2.97 -3.30
C ASN B 34 1.46 -2.72 -3.89
N TRP B 35 0.46 -3.30 -3.25
CA TRP B 35 -0.94 -3.17 -3.67
C TRP B 35 -1.77 -2.59 -2.53
N TYR B 36 -2.79 -1.82 -2.90
CA TYR B 36 -3.71 -1.20 -1.97
C TYR B 36 -5.14 -1.39 -2.45
N GLN B 37 -6.06 -1.48 -1.50
CA GLN B 37 -7.48 -1.62 -1.78
C GLN B 37 -8.23 -0.46 -1.16
N GLN B 38 -8.96 0.30 -1.98
CA GLN B 38 -9.73 1.44 -1.51
C GLN B 38 -11.21 1.19 -1.74
N LYS B 39 -11.94 0.92 -0.67
CA LYS B 39 -13.39 0.80 -0.74
C LYS B 39 -14.02 2.19 -0.75
N PRO B 40 -15.28 2.31 -1.19
CA PRO B 40 -15.89 3.64 -1.32
C PRO B 40 -15.96 4.36 0.01
N GLY B 41 -15.68 5.68 -0.02
CA GLY B 41 -15.69 6.50 1.16
C GLY B 41 -14.58 6.25 2.15
N GLU B 42 -13.64 5.37 1.85
CA GLU B 42 -12.57 5.03 2.78
C GLU B 42 -11.21 5.39 2.17
N ALA B 43 -10.20 5.42 3.04
CA ALA B 43 -8.83 5.56 2.58
C ALA B 43 -8.30 4.22 2.07
N PRO B 44 -7.24 4.24 1.27
CA PRO B 44 -6.64 2.97 0.81
C PRO B 44 -6.15 2.13 1.98
N LYS B 45 -6.22 0.81 1.80
CA LYS B 45 -5.76 -0.17 2.78
C LYS B 45 -4.54 -0.89 2.24
N PHE B 46 -3.52 -1.03 3.08
CA PHE B 46 -2.27 -1.71 2.74
C PHE B 46 -2.53 -3.20 2.54
N LEU B 47 -2.47 -3.68 1.30
CA LEU B 47 -2.84 -5.05 0.95
C LEU B 47 -1.64 -5.99 0.88
N ILE B 48 -0.69 -5.70 -0.01
CA ILE B 48 0.43 -6.60 -0.30
C ILE B 48 1.72 -5.79 -0.34
N TYR B 49 2.79 -6.36 0.22
CA TYR B 49 4.08 -5.72 0.30
C TYR B 49 5.11 -6.57 -0.44
N ALA B 50 5.98 -5.91 -1.18
CA ALA B 50 7.05 -6.58 -1.92
C ALA B 50 6.48 -7.71 -2.79
N ALA B 51 5.47 -7.37 -3.58
CA ALA B 51 4.92 -8.21 -4.64
C ALA B 51 4.05 -9.36 -4.14
N SER B 52 4.36 -9.97 -3.00
CA SER B 52 3.63 -11.19 -2.65
C SER B 52 3.27 -11.36 -1.18
N ASN B 53 3.63 -10.44 -0.29
CA ASN B 53 3.44 -10.62 1.15
C ASN B 53 2.13 -9.99 1.59
N LEU B 54 1.18 -10.82 2.02
CA LEU B 54 -0.09 -10.33 2.54
C LEU B 54 0.12 -9.61 3.87
N GLN B 55 -0.63 -8.52 4.06
CA GLN B 55 -0.53 -7.71 5.26
C GLN B 55 -1.64 -8.08 6.24
N SER B 56 -1.62 -7.44 7.41
CA SER B 56 -2.58 -7.77 8.45
C SER B 56 -4.00 -7.41 8.04
N GLY B 57 -4.95 -8.29 8.34
CA GLY B 57 -6.33 -8.06 7.99
C GLY B 57 -6.70 -8.33 6.55
N VAL B 58 -5.83 -8.97 5.78
CA VAL B 58 -6.07 -9.24 4.36
C VAL B 58 -6.53 -10.69 4.23
N PRO B 59 -7.71 -10.95 3.67
CA PRO B 59 -8.19 -12.33 3.57
C PRO B 59 -7.29 -13.19 2.68
N SER B 60 -7.31 -14.49 2.95
CA SER B 60 -6.42 -15.42 2.26
C SER B 60 -6.68 -15.49 0.76
N ARG B 61 -7.89 -15.13 0.32
CA ARG B 61 -8.19 -15.17 -1.10
C ARG B 61 -7.40 -14.14 -1.91
N PHE B 62 -6.72 -13.21 -1.25
CA PHE B 62 -5.85 -12.27 -1.94
C PHE B 62 -4.45 -12.84 -2.07
N SER B 63 -3.84 -12.64 -3.23
CA SER B 63 -2.45 -13.02 -3.43
C SER B 63 -1.84 -12.12 -4.48
N GLY B 64 -0.51 -12.05 -4.46
CA GLY B 64 0.22 -11.24 -5.42
C GLY B 64 1.43 -12.01 -5.92
N SER B 65 1.89 -11.61 -7.11
CA SER B 65 2.98 -12.30 -7.77
C SER B 65 3.63 -11.38 -8.79
N GLY B 66 4.86 -11.71 -9.15
CA GLY B 66 5.57 -10.94 -10.17
C GLY B 66 6.97 -10.52 -9.80
N SER B 67 7.75 -10.13 -10.81
CA SER B 67 9.12 -9.68 -10.63
C SER B 67 9.53 -8.88 -11.86
N GLY B 68 10.40 -7.90 -11.64
CA GLY B 68 10.93 -7.11 -12.73
C GLY B 68 9.97 -6.06 -13.25
N THR B 69 9.17 -6.42 -14.24
CA THR B 69 8.26 -5.47 -14.87
C THR B 69 6.78 -5.85 -14.80
N ASP B 70 6.45 -7.12 -14.64
CA ASP B 70 5.07 -7.60 -14.69
C ASP B 70 4.66 -8.13 -13.32
N PHE B 71 3.60 -7.54 -12.75
CA PHE B 71 3.09 -7.93 -11.44
C PHE B 71 1.59 -8.11 -11.53
N THR B 72 1.06 -9.06 -10.77
CA THR B 72 -0.35 -9.34 -10.77
C THR B 72 -0.88 -9.44 -9.34
N LEU B 73 -2.10 -8.97 -9.17
CA LEU B 73 -2.88 -9.16 -7.94
C LEU B 73 -4.05 -10.09 -8.27
N THR B 74 -4.23 -11.12 -7.45
CA THR B 74 -5.24 -12.14 -7.70
C THR B 74 -6.18 -12.27 -6.52
N ILE B 75 -7.47 -12.27 -6.79
CA ILE B 75 -8.49 -12.68 -5.83
C ILE B 75 -8.99 -14.04 -6.26
N SER B 76 -8.75 -15.05 -5.42
CA SER B 76 -9.03 -16.43 -5.82
C SER B 76 -10.52 -16.68 -5.97
N SER B 77 -11.34 -16.12 -5.07
CA SER B 77 -12.79 -16.33 -5.08
C SER B 77 -13.46 -15.01 -4.69
N LEU B 78 -13.97 -14.29 -5.69
CA LEU B 78 -14.46 -12.94 -5.47
C LEU B 78 -15.66 -12.94 -4.52
N GLN B 79 -15.72 -11.92 -3.68
CA GLN B 79 -16.78 -11.72 -2.70
C GLN B 79 -17.41 -10.34 -2.90
N PRO B 80 -18.66 -10.15 -2.45
CA PRO B 80 -19.30 -8.83 -2.63
C PRO B 80 -18.56 -7.69 -1.96
N GLU B 81 -17.94 -7.94 -0.80
CA GLU B 81 -17.25 -6.87 -0.10
C GLU B 81 -15.94 -6.47 -0.76
N ASP B 82 -15.48 -7.21 -1.77
CA ASP B 82 -14.24 -6.88 -2.46
C ASP B 82 -14.41 -5.76 -3.48
N PHE B 83 -15.63 -5.25 -3.65
CA PHE B 83 -15.87 -4.09 -4.48
C PHE B 83 -15.02 -2.92 -4.00
N ALA B 84 -14.10 -2.48 -4.85
CA ALA B 84 -13.16 -1.42 -4.48
C ALA B 84 -12.40 -1.00 -5.72
N THR B 85 -11.54 -0.01 -5.55
CA THR B 85 -10.52 0.36 -6.52
C THR B 85 -9.17 -0.10 -6.00
N TYR B 86 -8.40 -0.79 -6.84
CA TYR B 86 -7.12 -1.37 -6.45
C TYR B 86 -5.99 -0.59 -7.11
N TYR B 87 -4.91 -0.36 -6.35
CA TYR B 87 -3.79 0.47 -6.79
C TYR B 87 -2.48 -0.27 -6.58
N CYS B 88 -1.63 -0.29 -7.58
CA CYS B 88 -0.24 -0.68 -7.37
C CYS B 88 0.58 0.56 -7.01
N GLN B 89 1.74 0.34 -6.39
CA GLN B 89 2.56 1.43 -5.90
C GLN B 89 4.02 0.99 -5.82
N GLN B 90 4.89 1.78 -6.43
CA GLN B 90 6.34 1.59 -6.28
C GLN B 90 6.92 2.95 -5.93
N GLN B 91 7.66 2.99 -4.81
CA GLN B 91 8.15 4.23 -4.22
C GLN B 91 7.07 5.30 -4.23
N GLY B 92 7.35 6.43 -4.86
CA GLY B 92 6.43 7.55 -4.81
C GLY B 92 5.39 7.63 -5.91
N THR B 93 5.20 6.57 -6.69
CA THR B 93 4.24 6.59 -7.79
C THR B 93 3.21 5.47 -7.61
N PHE B 94 1.95 5.82 -7.85
CA PHE B 94 0.83 4.89 -7.81
C PHE B 94 0.35 4.59 -9.22
N GLY B 95 -0.10 3.36 -9.44
CA GLY B 95 -0.82 3.07 -10.66
C GLY B 95 -2.09 3.89 -10.78
N GLN B 96 -2.68 3.86 -11.97
CA GLN B 96 -3.90 4.61 -12.24
C GLN B 96 -5.10 4.04 -11.50
N GLY B 97 -5.06 2.77 -11.12
CA GLY B 97 -6.14 2.14 -10.39
C GLY B 97 -6.98 1.23 -11.29
N THR B 98 -7.62 0.26 -10.65
CA THR B 98 -8.54 -0.67 -11.31
C THR B 98 -9.79 -0.76 -10.45
N LYS B 99 -10.92 -0.30 -10.98
CA LYS B 99 -12.19 -0.40 -10.27
C LYS B 99 -12.81 -1.76 -10.56
N LEU B 100 -13.27 -2.43 -9.51
CA LEU B 100 -13.79 -3.79 -9.60
C LEU B 100 -15.26 -3.78 -9.16
N GLU B 101 -16.16 -4.03 -10.10
CA GLU B 101 -17.58 -4.14 -9.81
C GLU B 101 -17.95 -5.61 -9.67
N ILE B 102 -18.93 -5.89 -8.81
CA ILE B 102 -19.43 -7.24 -8.62
C ILE B 102 -20.59 -7.46 -9.58
N LYS B 103 -20.47 -8.47 -10.43
CA LYS B 103 -21.57 -8.86 -11.29
C LYS B 103 -22.61 -9.61 -10.47
N ARG B 104 -23.86 -9.54 -10.92
CA ARG B 104 -24.98 -9.97 -10.10
C ARG B 104 -26.19 -10.25 -10.98
N THR B 105 -27.14 -11.01 -10.43
CA THR B 105 -28.42 -11.21 -11.09
C THR B 105 -29.09 -9.87 -11.35
N VAL B 106 -29.87 -9.80 -12.43
CA VAL B 106 -30.62 -8.59 -12.74
C VAL B 106 -31.66 -8.34 -11.66
N ALA B 107 -31.78 -7.08 -11.25
CA ALA B 107 -32.77 -6.68 -10.25
C ALA B 107 -33.44 -5.41 -10.72
N ALA B 108 -34.75 -5.45 -10.88
CA ALA B 108 -35.49 -4.29 -11.33
C ALA B 108 -35.58 -3.25 -10.23
N PRO B 109 -35.55 -1.97 -10.56
CA PRO B 109 -35.68 -0.94 -9.52
C PRO B 109 -37.13 -0.78 -9.10
N SER B 110 -37.32 -0.53 -7.80
CA SER B 110 -38.56 0.06 -7.34
C SER B 110 -38.44 1.58 -7.48
N VAL B 111 -39.50 2.20 -7.99
CA VAL B 111 -39.48 3.61 -8.36
C VAL B 111 -40.43 4.40 -7.46
N PHE B 112 -39.92 5.49 -6.89
CA PHE B 112 -40.71 6.42 -6.08
C PHE B 112 -40.52 7.84 -6.61
N ILE B 113 -41.56 8.65 -6.47
CA ILE B 113 -41.51 10.04 -6.92
C ILE B 113 -41.98 10.95 -5.80
N PHE B 114 -41.34 12.11 -5.67
CA PHE B 114 -41.63 13.08 -4.62
C PHE B 114 -41.94 14.44 -5.25
N PRO B 115 -43.14 14.98 -5.05
CA PRO B 115 -43.42 16.34 -5.52
C PRO B 115 -42.58 17.35 -4.76
N PRO B 116 -42.48 18.59 -5.25
CA PRO B 116 -41.75 19.61 -4.49
C PRO B 116 -42.52 19.98 -3.23
N SER B 117 -41.78 20.28 -2.17
CA SER B 117 -42.41 20.71 -0.93
C SER B 117 -42.99 22.11 -1.09
N ASP B 118 -44.04 22.39 -0.31
CA ASP B 118 -44.63 23.73 -0.34
C ASP B 118 -43.64 24.80 0.12
N GLU B 119 -42.75 24.46 1.07
CA GLU B 119 -41.76 25.42 1.52
C GLU B 119 -40.82 25.84 0.38
N GLN B 120 -40.33 24.85 -0.38
CA GLN B 120 -39.48 25.17 -1.52
C GLN B 120 -40.25 25.98 -2.55
N LEU B 121 -41.50 25.60 -2.80
CA LEU B 121 -42.30 26.31 -3.81
C LEU B 121 -42.44 27.78 -3.46
N LYS B 122 -42.65 28.10 -2.18
CA LYS B 122 -42.80 29.48 -1.77
C LYS B 122 -41.54 30.30 -2.07
N SER B 123 -40.37 29.68 -1.99
CA SER B 123 -39.12 30.39 -2.28
C SER B 123 -38.82 30.52 -3.77
N GLY B 124 -39.64 29.94 -4.64
CA GLY B 124 -39.55 30.21 -6.07
C GLY B 124 -39.01 29.10 -6.94
N THR B 125 -38.76 27.91 -6.41
CA THR B 125 -38.21 26.82 -7.20
C THR B 125 -38.93 25.53 -6.86
N ALA B 126 -39.05 24.65 -7.86
CA ALA B 126 -39.69 23.35 -7.70
C ALA B 126 -38.70 22.25 -8.06
N SER B 127 -38.38 21.39 -7.10
CA SER B 127 -37.54 20.22 -7.33
C SER B 127 -38.41 18.97 -7.22
N VAL B 128 -38.54 18.23 -8.32
CA VAL B 128 -39.19 16.93 -8.33
C VAL B 128 -38.10 15.86 -8.34
N VAL B 129 -38.21 14.87 -7.46
CA VAL B 129 -37.17 13.86 -7.26
C VAL B 129 -37.76 12.49 -7.62
N CYS B 130 -37.09 11.74 -8.49
CA CYS B 130 -37.40 10.33 -8.70
C CYS B 130 -36.29 9.47 -8.10
N LEU B 131 -36.69 8.44 -7.37
CA LEU B 131 -35.80 7.52 -6.68
C LEU B 131 -35.93 6.15 -7.30
N LEU B 132 -34.82 5.60 -7.74
CA LEU B 132 -34.74 4.22 -8.22
C LEU B 132 -33.92 3.44 -7.21
N ASN B 133 -34.53 2.46 -6.56
CA ASN B 133 -33.93 1.81 -5.40
C ASN B 133 -33.55 0.36 -5.69
N ASN B 134 -32.30 0.01 -5.40
CA ASN B 134 -31.80 -1.36 -5.34
C ASN B 134 -32.04 -2.11 -6.65
N PHE B 135 -31.26 -1.73 -7.66
CA PHE B 135 -31.34 -2.34 -8.97
C PHE B 135 -29.95 -2.74 -9.45
N TYR B 136 -29.93 -3.65 -10.42
CA TYR B 136 -28.71 -4.07 -11.10
C TYR B 136 -29.13 -4.56 -12.46
N PRO B 137 -28.37 -4.26 -13.53
CA PRO B 137 -27.13 -3.48 -13.54
C PRO B 137 -27.37 -1.98 -13.38
N ARG B 138 -26.29 -1.21 -13.33
CA ARG B 138 -26.42 0.21 -13.01
C ARG B 138 -26.91 1.04 -14.18
N GLU B 139 -26.90 0.51 -15.39
CA GLU B 139 -27.43 1.25 -16.54
C GLU B 139 -28.94 1.43 -16.38
N ALA B 140 -29.39 2.68 -16.36
CA ALA B 140 -30.81 2.99 -16.26
C ALA B 140 -31.06 4.31 -16.98
N LYS B 141 -32.28 4.46 -17.49
CA LYS B 141 -32.65 5.65 -18.26
C LYS B 141 -33.89 6.26 -17.64
N VAL B 142 -33.73 7.39 -16.98
CA VAL B 142 -34.84 8.12 -16.36
C VAL B 142 -35.23 9.26 -17.27
N GLN B 143 -36.48 9.29 -17.71
CA GLN B 143 -37.00 10.33 -18.57
C GLN B 143 -38.12 11.07 -17.84
N TRP B 144 -38.08 12.39 -17.91
CA TRP B 144 -39.10 13.23 -17.28
C TRP B 144 -40.10 13.70 -18.31
N LYS B 145 -41.39 13.68 -17.94
CA LYS B 145 -42.44 14.22 -18.78
C LYS B 145 -43.27 15.21 -17.97
N VAL B 146 -43.54 16.37 -18.55
CA VAL B 146 -44.38 17.40 -17.94
C VAL B 146 -45.53 17.66 -18.92
N ASP B 147 -46.74 17.28 -18.53
CA ASP B 147 -47.91 17.34 -19.42
C ASP B 147 -47.63 16.61 -20.74
N ASN B 148 -47.00 15.43 -20.62
CA ASN B 148 -46.65 14.58 -21.76
C ASN B 148 -45.64 15.24 -22.69
N ALA B 149 -44.79 16.10 -22.15
CA ALA B 149 -43.70 16.71 -22.90
C ALA B 149 -42.37 16.21 -22.35
N LEU B 150 -41.58 15.56 -23.20
CA LEU B 150 -40.27 15.06 -22.78
C LEU B 150 -39.36 16.20 -22.39
N GLN B 151 -38.84 16.15 -21.16
CA GLN B 151 -37.90 17.14 -20.67
C GLN B 151 -36.47 16.79 -21.07
N SER B 152 -35.63 17.82 -21.17
CA SER B 152 -34.20 17.64 -21.40
C SER B 152 -33.49 18.93 -21.05
N GLY B 153 -32.36 18.80 -20.35
CA GLY B 153 -31.57 19.94 -19.96
C GLY B 153 -31.91 20.56 -18.63
N ASN B 154 -32.92 20.03 -17.92
CA ASN B 154 -33.34 20.57 -16.64
C ASN B 154 -33.42 19.48 -15.56
N SER B 155 -32.62 18.43 -15.71
CA SER B 155 -32.58 17.37 -14.70
C SER B 155 -31.13 16.94 -14.47
N GLN B 156 -30.87 16.44 -13.26
CA GLN B 156 -29.58 15.87 -12.92
C GLN B 156 -29.80 14.60 -12.09
N GLU B 157 -28.85 13.67 -12.18
CA GLU B 157 -28.95 12.43 -11.43
C GLU B 157 -27.60 12.08 -10.82
N SER B 158 -27.65 11.33 -9.72
CA SER B 158 -26.46 10.73 -9.16
C SER B 158 -26.82 9.32 -8.70
N VAL B 159 -25.83 8.44 -8.76
CA VAL B 159 -25.98 7.03 -8.41
C VAL B 159 -25.14 6.75 -7.18
N THR B 160 -25.68 5.98 -6.26
CA THR B 160 -24.86 5.47 -5.16
C THR B 160 -23.81 4.51 -5.70
N GLU B 161 -22.73 4.35 -4.95
CA GLU B 161 -21.78 3.33 -5.33
C GLU B 161 -22.31 1.96 -4.93
N GLN B 162 -21.72 0.93 -5.54
CA GLN B 162 -22.30 -0.41 -5.41
C GLN B 162 -22.36 -0.83 -3.95
N ASP B 163 -23.54 -1.28 -3.54
CA ASP B 163 -23.72 -1.83 -2.19
C ASP B 163 -22.80 -3.04 -2.00
N SER B 164 -22.12 -3.07 -0.85
CA SER B 164 -21.08 -4.06 -0.60
C SER B 164 -21.62 -5.40 -0.09
N LYS B 165 -22.93 -5.59 -0.07
CA LYS B 165 -23.51 -6.82 0.46
C LYS B 165 -24.53 -7.43 -0.50
N ASP B 166 -25.40 -6.63 -1.10
CA ASP B 166 -26.32 -7.14 -2.11
C ASP B 166 -25.93 -6.70 -3.53
N SER B 167 -24.90 -5.87 -3.67
CA SER B 167 -24.33 -5.49 -4.97
C SER B 167 -25.33 -4.78 -5.86
N THR B 168 -26.24 -4.00 -5.28
CA THR B 168 -27.19 -3.22 -6.05
C THR B 168 -26.80 -1.74 -6.04
N TYR B 169 -27.46 -0.99 -6.90
CA TYR B 169 -27.30 0.45 -6.98
C TYR B 169 -28.62 1.13 -6.69
N SER B 170 -28.53 2.42 -6.34
CA SER B 170 -29.71 3.27 -6.20
C SER B 170 -29.44 4.57 -6.94
N LEU B 171 -30.49 5.14 -7.51
CA LEU B 171 -30.36 6.32 -8.34
C LEU B 171 -31.39 7.35 -7.92
N SER B 172 -30.96 8.60 -7.87
CA SER B 172 -31.82 9.73 -7.59
C SER B 172 -31.74 10.70 -8.76
N SER B 173 -32.90 11.10 -9.28
CA SER B 173 -32.96 12.08 -10.37
C SER B 173 -33.83 13.25 -9.95
N THR B 174 -33.30 14.47 -10.14
CA THR B 174 -33.98 15.69 -9.73
C THR B 174 -34.29 16.54 -10.94
N LEU B 175 -35.56 16.91 -11.09
CA LEU B 175 -36.00 17.85 -12.12
C LEU B 175 -36.32 19.18 -11.46
N THR B 176 -35.69 20.25 -11.93
CA THR B 176 -35.90 21.57 -11.34
C THR B 176 -36.60 22.50 -12.32
N LEU B 177 -37.66 23.13 -11.86
CA LEU B 177 -38.38 24.14 -12.62
C LEU B 177 -38.54 25.37 -11.73
N SER B 178 -38.82 26.50 -12.36
CA SER B 178 -39.22 27.65 -11.56
C SER B 178 -40.64 27.42 -11.04
N LYS B 179 -40.99 28.15 -9.98
CA LYS B 179 -42.34 28.05 -9.44
C LYS B 179 -43.38 28.38 -10.50
N ALA B 180 -43.12 29.42 -11.31
CA ALA B 180 -44.03 29.79 -12.38
C ALA B 180 -44.23 28.64 -13.37
N ASP B 181 -43.14 28.03 -13.82
CA ASP B 181 -43.26 26.90 -14.75
C ASP B 181 -44.00 25.74 -14.10
N TYR B 182 -43.70 25.46 -12.83
CA TYR B 182 -44.29 24.32 -12.14
C TYR B 182 -45.81 24.42 -12.12
N GLU B 183 -46.35 25.60 -11.79
CA GLU B 183 -47.78 25.75 -11.65
C GLU B 183 -48.49 26.05 -12.97
N LYS B 184 -47.77 26.10 -14.08
CA LYS B 184 -48.39 26.18 -15.39
C LYS B 184 -48.73 24.80 -15.97
N HIS B 185 -48.36 23.72 -15.29
CA HIS B 185 -48.59 22.38 -15.82
C HIS B 185 -49.15 21.49 -14.72
N LYS B 186 -49.68 20.34 -15.13
CA LYS B 186 -50.43 19.47 -14.23
C LYS B 186 -49.73 18.15 -13.94
N VAL B 187 -49.33 17.40 -14.96
CA VAL B 187 -48.86 16.03 -14.77
C VAL B 187 -47.34 16.01 -14.78
N TYR B 188 -46.76 15.42 -13.74
CA TYR B 188 -45.31 15.24 -13.64
C TYR B 188 -45.02 13.76 -13.48
N ALA B 189 -44.19 13.20 -14.36
CA ALA B 189 -43.97 11.76 -14.40
C ALA B 189 -42.50 11.45 -14.68
N CYS B 190 -41.96 10.40 -14.06
CA CYS B 190 -40.68 9.84 -14.51
C CYS B 190 -40.95 8.48 -15.15
N GLU B 191 -40.36 8.27 -16.34
CA GLU B 191 -40.43 7.03 -17.11
C GLU B 191 -39.08 6.37 -16.96
N VAL B 192 -39.07 5.14 -16.48
CA VAL B 192 -37.85 4.42 -16.13
C VAL B 192 -37.75 3.20 -17.02
N THR B 193 -36.69 3.14 -17.82
CA THR B 193 -36.38 1.95 -18.62
C THR B 193 -35.15 1.28 -18.00
N HIS B 194 -35.22 -0.05 -17.85
CA HIS B 194 -34.16 -0.81 -17.22
C HIS B 194 -34.24 -2.24 -17.72
N GLN B 195 -33.10 -2.94 -17.69
CA GLN B 195 -33.08 -4.30 -18.21
C GLN B 195 -34.01 -5.22 -17.42
N GLY B 196 -34.20 -4.95 -16.13
CA GLY B 196 -35.13 -5.72 -15.33
C GLY B 196 -36.59 -5.44 -15.60
N LEU B 197 -36.89 -4.43 -16.42
CA LEU B 197 -38.27 -4.05 -16.74
C LEU B 197 -38.60 -4.48 -18.16
N SER B 198 -39.64 -5.30 -18.30
CA SER B 198 -40.07 -5.71 -19.64
C SER B 198 -40.62 -4.53 -20.43
N SER B 199 -41.14 -3.52 -19.73
CA SER B 199 -41.67 -2.30 -20.30
C SER B 199 -41.26 -1.14 -19.43
N PRO B 200 -41.14 0.06 -19.98
CA PRO B 200 -40.82 1.23 -19.14
C PRO B 200 -41.90 1.44 -18.08
N VAL B 201 -41.46 1.71 -16.86
CA VAL B 201 -42.35 1.96 -15.74
C VAL B 201 -42.45 3.47 -15.53
N THR B 202 -43.68 3.96 -15.33
CA THR B 202 -43.94 5.38 -15.14
C THR B 202 -44.55 5.61 -13.76
N LYS B 203 -43.98 6.55 -13.01
CA LYS B 203 -44.56 7.04 -11.76
C LYS B 203 -44.86 8.52 -11.93
N SER B 204 -46.07 8.93 -11.56
CA SER B 204 -46.51 10.30 -11.82
C SER B 204 -47.33 10.83 -10.65
N PHE B 205 -47.47 12.15 -10.61
CA PHE B 205 -48.44 12.85 -9.77
C PHE B 205 -48.97 14.05 -10.55
N ASN B 206 -50.01 14.69 -10.01
CA ASN B 206 -50.87 15.51 -10.84
C ASN B 206 -51.08 16.97 -10.46
N ARG B 207 -50.51 17.46 -9.36
CA ARG B 207 -50.87 18.84 -8.99
C ARG B 207 -49.73 19.82 -9.29
N GLY B 208 -50.10 21.10 -9.34
CA GLY B 208 -49.17 22.18 -9.66
C GLY B 208 -49.60 23.04 -10.84
N GLN C 1 -5.26 0.62 18.74
CA GLN C 1 -4.38 0.74 17.59
C GLN C 1 -3.90 2.18 17.38
N VAL C 2 -3.05 2.37 16.37
CA VAL C 2 -2.60 3.70 15.97
C VAL C 2 -3.55 4.22 14.91
N GLN C 3 -3.97 5.48 15.04
CA GLN C 3 -4.91 6.07 14.10
C GLN C 3 -4.47 7.49 13.75
N LEU C 4 -4.74 7.86 12.50
CA LEU C 4 -4.43 9.19 11.98
C LEU C 4 -5.72 9.90 11.64
N GLN C 5 -5.72 11.23 11.81
CA GLN C 5 -6.91 12.02 11.54
C GLN C 5 -6.48 13.40 11.05
N GLU C 6 -6.92 13.76 9.85
CA GLU C 6 -6.58 15.05 9.27
C GLU C 6 -7.52 16.13 9.80
N SER C 7 -6.98 17.34 9.91
CA SER C 7 -7.76 18.52 10.27
C SER C 7 -7.25 19.70 9.46
N GLY C 8 -8.16 20.61 9.13
CA GLY C 8 -7.83 21.75 8.33
C GLY C 8 -9.03 22.30 7.58
N PRO C 9 -8.87 23.47 6.98
CA PRO C 9 -10.00 24.08 6.26
C PRO C 9 -10.37 23.30 5.01
N GLY C 10 -11.67 23.34 4.68
CA GLY C 10 -12.18 22.67 3.51
C GLY C 10 -12.28 23.56 2.29
N LEU C 11 -12.20 24.86 2.50
CA LEU C 11 -12.24 25.84 1.42
C LEU C 11 -11.05 26.77 1.54
N VAL C 12 -10.29 26.92 0.46
CA VAL C 12 -9.10 27.75 0.42
C VAL C 12 -9.14 28.59 -0.85
N LYS C 13 -8.85 29.87 -0.70
CA LYS C 13 -8.83 30.73 -1.88
C LYS C 13 -7.54 30.51 -2.67
N PRO C 14 -7.59 30.67 -3.99
CA PRO C 14 -6.37 30.53 -4.79
C PRO C 14 -5.29 31.51 -4.34
N SER C 15 -4.03 31.10 -4.54
CA SER C 15 -2.81 31.82 -4.15
C SER C 15 -2.57 31.81 -2.65
N GLU C 16 -3.47 31.23 -1.85
CA GLU C 16 -3.25 31.07 -0.42
C GLU C 16 -2.41 29.82 -0.16
N THR C 17 -1.95 29.68 1.08
CA THR C 17 -1.16 28.52 1.50
C THR C 17 -2.10 27.52 2.16
N LEU C 18 -2.34 26.40 1.47
CA LEU C 18 -3.10 25.31 2.04
C LEU C 18 -2.32 24.69 3.20
N SER C 19 -3.02 24.44 4.30
CA SER C 19 -2.39 23.80 5.45
C SER C 19 -3.36 22.80 6.07
N LEU C 20 -2.86 21.60 6.32
CA LEU C 20 -3.62 20.58 7.02
C LEU C 20 -2.72 19.98 8.10
N THR C 21 -3.36 19.49 9.17
CA THR C 21 -2.63 18.90 10.28
C THR C 21 -3.16 17.49 10.52
N CYS C 22 -2.24 16.57 10.75
CA CYS C 22 -2.57 15.19 11.08
C CYS C 22 -2.25 14.95 12.55
N THR C 23 -3.20 14.39 13.29
CA THR C 23 -3.00 14.04 14.69
C THR C 23 -2.97 12.52 14.82
N VAL C 24 -1.95 12.02 15.53
CA VAL C 24 -1.71 10.59 15.65
C VAL C 24 -2.02 10.15 17.08
N SER C 25 -2.93 9.19 17.21
CA SER C 25 -3.34 8.67 18.51
C SER C 25 -2.89 7.23 18.67
N GLY C 26 -2.38 6.91 19.85
CA GLY C 26 -2.01 5.55 20.19
C GLY C 26 -0.66 5.09 19.67
N GLY C 27 0.10 5.96 19.01
CA GLY C 27 1.36 5.56 18.44
C GLY C 27 2.44 6.59 18.72
N SER C 28 3.68 6.12 18.68
CA SER C 28 4.84 6.99 18.89
C SER C 28 5.23 7.60 17.56
N VAL C 29 4.82 8.85 17.37
CA VAL C 29 5.18 9.63 16.20
C VAL C 29 6.71 9.72 16.19
N SER C 30 7.33 9.61 17.38
CA SER C 30 8.80 9.65 17.55
C SER C 30 9.42 8.26 17.51
N SER C 31 9.86 7.86 16.32
CA SER C 31 10.55 6.60 16.10
C SER C 31 11.03 6.66 14.66
N ASN C 32 12.35 6.70 14.47
CA ASN C 32 12.85 7.06 13.15
C ASN C 32 12.83 5.90 12.16
N ILE C 33 12.08 4.83 12.43
CA ILE C 33 11.81 3.88 11.36
C ILE C 33 10.61 4.31 10.52
N TYR C 34 9.74 5.16 11.06
CA TYR C 34 8.56 5.63 10.36
C TYR C 34 8.83 6.98 9.71
N TYR C 35 8.28 7.17 8.51
CA TYR C 35 8.11 8.52 7.98
C TYR C 35 6.63 8.87 7.96
N TRP C 36 6.35 10.15 7.76
CA TRP C 36 5.00 10.68 7.85
C TRP C 36 4.70 11.48 6.60
N SER C 37 3.65 11.07 5.87
CA SER C 37 3.48 11.44 4.47
C SER C 37 2.11 12.04 4.24
N TRP C 38 1.97 12.70 3.09
CA TRP C 38 0.69 13.19 2.61
C TRP C 38 0.50 12.73 1.17
N ILE C 39 -0.71 12.29 0.86
CA ILE C 39 -1.11 11.84 -0.47
C ILE C 39 -2.46 12.47 -0.78
N ARG C 40 -2.61 12.95 -2.01
CA ARG C 40 -3.89 13.53 -2.42
C ARG C 40 -4.49 12.71 -3.55
N GLN C 41 -5.80 12.84 -3.71
CA GLN C 41 -6.54 12.05 -4.68
C GLN C 41 -7.56 12.94 -5.38
N THR C 42 -7.46 13.02 -6.69
CA THR C 42 -8.47 13.64 -7.52
C THR C 42 -8.95 12.67 -8.58
N PRO C 43 -10.25 12.65 -8.88
CA PRO C 43 -10.71 11.94 -10.08
C PRO C 43 -10.19 12.66 -11.31
N GLY C 44 -9.37 11.96 -12.10
CA GLY C 44 -8.60 12.57 -13.15
C GLY C 44 -7.11 12.49 -12.91
N LYS C 45 -6.70 12.13 -11.70
CA LYS C 45 -5.34 11.73 -11.37
C LYS C 45 -5.27 10.49 -10.49
N GLY C 46 -6.27 10.20 -9.67
CA GLY C 46 -6.07 9.14 -8.71
C GLY C 46 -5.11 9.59 -7.63
N LEU C 47 -4.36 8.63 -7.10
CA LEU C 47 -3.52 8.91 -5.95
C LEU C 47 -2.20 9.53 -6.39
N GLU C 48 -1.80 10.61 -5.71
CA GLU C 48 -0.55 11.29 -5.97
C GLU C 48 0.18 11.52 -4.65
N TRP C 49 1.34 10.89 -4.50
CA TRP C 49 2.17 11.12 -3.34
C TRP C 49 2.75 12.53 -3.38
N LEU C 50 2.60 13.27 -2.28
CA LEU C 50 3.08 14.64 -2.20
C LEU C 50 4.45 14.76 -1.54
N GLY C 51 4.72 13.96 -0.52
CA GLY C 51 5.97 14.08 0.21
C GLY C 51 5.88 13.33 1.51
N TYR C 52 7.05 13.13 2.11
CA TYR C 52 7.11 12.57 3.45
C TYR C 52 8.20 13.26 4.24
N PHE C 53 8.22 12.96 5.52
CA PHE C 53 9.11 13.66 6.41
C PHE C 53 9.47 12.76 7.57
N TYR C 54 10.75 12.71 7.87
CA TYR C 54 11.25 12.11 9.09
C TYR C 54 11.50 13.23 10.10
N HIS C 55 11.17 12.94 11.36
CA HIS C 55 11.39 13.93 12.41
C HIS C 55 12.84 14.30 12.57
N SER C 56 13.77 13.42 12.21
CA SER C 56 15.19 13.73 12.25
C SER C 56 15.59 14.90 11.35
N GLY C 57 14.66 15.49 10.61
CA GLY C 57 14.96 16.58 9.69
C GLY C 57 15.01 16.18 8.25
N SER C 58 15.07 14.89 7.96
CA SER C 58 15.09 14.43 6.60
C SER C 58 13.68 14.52 6.01
N SER C 59 13.62 14.79 4.71
CA SER C 59 12.34 14.85 4.02
C SER C 59 12.56 14.59 2.54
N ASN C 60 11.47 14.30 1.85
CA ASN C 60 11.49 14.00 0.43
C ASN C 60 10.14 14.42 -0.16
N TYR C 61 10.19 15.05 -1.32
CA TYR C 61 9.00 15.66 -1.89
C TYR C 61 8.84 15.28 -3.36
N ASN C 62 7.60 15.26 -3.81
CA ASN C 62 7.30 15.01 -5.21
C ASN C 62 7.84 16.17 -6.05
N PRO C 63 8.70 15.93 -7.04
CA PRO C 63 9.21 17.04 -7.86
C PRO C 63 8.14 17.70 -8.71
N SER C 64 7.04 17.00 -9.01
CA SER C 64 5.96 17.62 -9.78
C SER C 64 5.44 18.86 -9.09
N LEU C 65 5.30 18.81 -7.76
CA LEU C 65 5.01 20.00 -6.98
C LEU C 65 6.32 20.78 -6.83
N LYS C 66 6.45 21.85 -7.60
CA LYS C 66 7.69 22.60 -7.71
C LYS C 66 8.12 23.20 -6.37
N SER C 67 8.47 22.34 -5.41
CA SER C 67 8.89 22.73 -4.06
C SER C 67 7.84 23.58 -3.33
N ARG C 68 6.57 23.51 -3.75
CA ARG C 68 5.51 24.18 -3.02
C ARG C 68 5.16 23.45 -1.72
N VAL C 69 5.66 22.24 -1.52
CA VAL C 69 5.27 21.39 -0.41
C VAL C 69 6.29 21.53 0.71
N THR C 70 5.80 21.61 1.93
CA THR C 70 6.62 21.52 3.13
C THR C 70 5.87 20.69 4.15
N ILE C 71 6.53 19.69 4.71
CA ILE C 71 5.97 18.89 5.79
C ILE C 71 6.85 19.11 7.01
N SER C 72 6.22 19.40 8.15
CA SER C 72 6.94 19.62 9.39
C SER C 72 6.17 18.93 10.51
N GLY C 73 6.86 18.71 11.63
CA GLY C 73 6.27 18.00 12.73
C GLY C 73 6.47 18.74 14.05
N ASP C 74 5.59 18.42 14.98
CA ASP C 74 5.67 18.88 16.36
C ASP C 74 5.30 17.70 17.25
N MET C 75 6.24 17.20 18.03
CA MET C 75 6.03 16.05 18.89
C MET C 75 5.40 16.40 20.21
N SER C 76 5.52 17.65 20.65
CA SER C 76 4.77 18.10 21.81
C SER C 76 3.28 17.82 21.63
N LYS C 77 2.83 17.77 20.38
CA LYS C 77 1.42 17.58 20.06
C LYS C 77 1.14 16.30 19.29
N ASN C 78 2.15 15.47 19.02
CA ASN C 78 1.98 14.24 18.24
C ASN C 78 1.30 14.54 16.90
N GLN C 79 1.80 15.57 16.23
CA GLN C 79 1.20 16.06 15.01
C GLN C 79 2.28 16.34 13.98
N PHE C 80 1.87 16.31 12.72
CA PHE C 80 2.68 16.82 11.62
C PHE C 80 1.75 17.48 10.62
N SER C 81 2.29 18.42 9.85
CA SER C 81 1.45 19.30 9.06
C SER C 81 1.95 19.36 7.62
N LEU C 82 1.01 19.53 6.72
CA LEU C 82 1.29 19.80 5.32
C LEU C 82 1.11 21.29 5.05
N LYS C 83 2.01 21.86 4.26
CA LYS C 83 1.89 23.23 3.80
C LYS C 83 2.15 23.26 2.30
N LEU C 84 1.20 23.79 1.54
CA LEU C 84 1.23 23.77 0.08
C LEU C 84 1.01 25.19 -0.41
N LYS C 85 2.06 25.83 -0.91
CA LYS C 85 2.00 27.24 -1.27
C LYS C 85 1.33 27.44 -2.62
N SER C 86 0.77 28.64 -2.79
CA SER C 86 0.27 29.14 -4.08
C SER C 86 -0.66 28.13 -4.77
N VAL C 87 -1.75 27.80 -4.08
CA VAL C 87 -2.69 26.81 -4.60
C VAL C 87 -3.54 27.43 -5.69
N THR C 88 -3.96 26.60 -6.63
CA THR C 88 -4.95 26.94 -7.64
C THR C 88 -6.02 25.85 -7.65
N ALA C 89 -6.99 25.99 -8.55
CA ALA C 89 -8.09 25.03 -8.63
C ALA C 89 -7.57 23.63 -8.88
N ALA C 90 -6.40 23.50 -9.49
CA ALA C 90 -5.81 22.19 -9.74
C ALA C 90 -5.40 21.47 -8.46
N ASP C 91 -5.37 22.17 -7.32
CA ASP C 91 -5.03 21.54 -6.05
C ASP C 91 -6.26 21.09 -5.27
N THR C 92 -7.45 21.19 -5.84
CA THR C 92 -8.65 20.64 -5.22
C THR C 92 -8.55 19.13 -5.21
N ALA C 93 -8.63 18.54 -4.01
CA ALA C 93 -8.39 17.10 -3.87
C ALA C 93 -8.89 16.65 -2.51
N ILE C 94 -8.99 15.33 -2.37
CA ILE C 94 -9.07 14.69 -1.05
C ILE C 94 -7.64 14.44 -0.58
N TYR C 95 -7.30 14.95 0.60
CA TYR C 95 -5.95 14.86 1.15
C TYR C 95 -5.91 13.84 2.28
N TYR C 96 -4.94 12.93 2.22
CA TYR C 96 -4.74 11.90 3.24
C TYR C 96 -3.38 12.09 3.90
N CYS C 97 -3.33 11.96 5.22
CA CYS C 97 -2.05 11.76 5.90
C CYS C 97 -1.82 10.27 6.07
N ALA C 98 -0.54 9.87 6.04
CA ALA C 98 -0.22 8.46 6.10
C ALA C 98 1.11 8.24 6.80
N ARG C 99 1.22 7.09 7.45
CA ARG C 99 2.48 6.62 8.01
C ARG C 99 3.07 5.57 7.08
N GLY C 100 4.38 5.56 6.97
CA GLY C 100 5.06 4.59 6.16
C GLY C 100 6.52 4.48 6.54
N GLY C 101 7.31 3.95 5.62
CA GLY C 101 8.73 3.79 5.90
C GLY C 101 9.47 3.41 4.63
N VAL C 102 10.79 3.34 4.78
CA VAL C 102 11.71 2.95 3.71
C VAL C 102 12.52 1.77 4.21
N GLU C 103 12.60 0.71 3.40
CA GLU C 103 13.39 -0.45 3.73
C GLU C 103 14.36 -0.74 2.59
N ASN C 104 15.56 -1.16 2.95
CA ASN C 104 16.58 -1.56 1.99
C ASN C 104 16.70 -3.07 2.10
N LEU C 105 15.88 -3.77 1.34
CA LEU C 105 15.81 -5.22 1.43
C LEU C 105 16.37 -5.84 0.15
N MET C 106 17.16 -6.88 0.34
CA MET C 106 17.68 -7.68 -0.77
C MET C 106 16.60 -8.64 -1.23
N LEU C 107 16.27 -8.61 -2.52
CA LEU C 107 15.53 -9.67 -3.18
C LEU C 107 15.51 -9.44 -4.67
N VAL C 108 15.61 -10.53 -5.44
CA VAL C 108 15.93 -10.55 -6.88
C VAL C 108 17.38 -10.11 -7.03
N ALA C 109 18.25 -10.71 -6.21
CA ALA C 109 19.70 -10.58 -6.32
C ALA C 109 20.25 -9.17 -6.14
N VAL C 110 19.39 -8.19 -5.90
CA VAL C 110 19.81 -6.80 -5.82
C VAL C 110 19.04 -6.09 -4.72
N ILE C 111 19.76 -5.32 -3.89
CA ILE C 111 19.12 -4.51 -2.86
C ILE C 111 18.44 -3.31 -3.50
N GLN C 112 17.18 -3.09 -3.17
CA GLN C 112 16.44 -1.95 -3.70
C GLN C 112 15.68 -1.22 -2.59
N GLU C 113 15.48 0.07 -2.83
CA GLU C 113 14.76 0.93 -1.89
C GLU C 113 13.26 0.69 -2.03
N MET C 114 12.63 0.25 -0.94
CA MET C 114 11.19 0.01 -0.92
C MET C 114 10.51 1.05 -0.04
N TRP C 115 9.44 1.67 -0.57
CA TRP C 115 8.57 2.53 0.21
C TRP C 115 7.22 1.86 0.40
N TYR C 116 6.51 2.28 1.43
CA TYR C 116 5.19 1.76 1.72
C TYR C 116 4.44 2.79 2.55
N PHE C 117 3.11 2.63 2.58
CA PHE C 117 2.24 3.48 3.39
C PHE C 117 1.26 2.54 4.11
N ASP C 118 1.53 2.21 5.37
CA ASP C 118 0.75 1.17 6.01
C ASP C 118 -0.45 1.68 6.80
N LEU C 119 -0.48 2.96 7.18
CA LEU C 119 -1.57 3.54 7.94
C LEU C 119 -1.99 4.85 7.29
N TRP C 120 -3.29 5.01 7.07
CA TRP C 120 -3.85 6.19 6.43
C TRP C 120 -4.89 6.84 7.33
N GLY C 121 -5.06 8.15 7.19
CA GLY C 121 -6.18 8.83 7.80
C GLY C 121 -7.43 8.64 6.98
N ARG C 122 -8.52 9.28 7.42
CA ARG C 122 -9.78 9.13 6.71
C ARG C 122 -9.80 9.97 5.44
N GLY C 123 -8.99 11.02 5.37
CA GLY C 123 -9.00 11.90 4.22
C GLY C 123 -9.91 13.10 4.43
N THR C 124 -9.51 14.23 3.83
CA THR C 124 -10.27 15.47 3.93
C THR C 124 -10.35 16.13 2.55
N LEU C 125 -11.56 16.57 2.18
CA LEU C 125 -11.75 17.30 0.94
C LEU C 125 -11.29 18.74 1.13
N VAL C 126 -10.46 19.22 0.20
CA VAL C 126 -10.07 20.62 0.16
C VAL C 126 -10.47 21.15 -1.20
N THR C 127 -11.32 22.17 -1.21
CA THR C 127 -11.76 22.84 -2.42
C THR C 127 -11.03 24.16 -2.54
N VAL C 128 -10.33 24.37 -3.65
CA VAL C 128 -9.66 25.63 -3.93
C VAL C 128 -10.55 26.42 -4.86
N SER C 129 -11.11 27.52 -4.36
CA SER C 129 -12.09 28.27 -5.12
C SER C 129 -12.16 29.68 -4.58
N GLY C 130 -12.58 30.60 -5.44
CA GLY C 130 -12.83 31.97 -5.03
C GLY C 130 -14.23 32.25 -4.52
N ALA C 131 -15.15 31.31 -4.71
CA ALA C 131 -16.53 31.49 -4.26
C ALA C 131 -16.63 31.39 -2.74
N SER C 132 -17.67 32.01 -2.20
CA SER C 132 -17.88 32.03 -0.76
C SER C 132 -18.76 30.86 -0.33
N THR C 133 -18.61 30.45 0.93
CA THR C 133 -19.41 29.36 1.45
C THR C 133 -20.88 29.76 1.54
N LYS C 134 -21.76 28.77 1.50
CA LYS C 134 -23.14 29.05 1.86
C LYS C 134 -23.79 27.76 2.33
N GLY C 135 -24.60 27.88 3.38
CA GLY C 135 -25.25 26.74 3.96
C GLY C 135 -26.43 26.29 3.13
N PRO C 136 -26.85 25.05 3.32
CA PRO C 136 -27.91 24.49 2.49
C PRO C 136 -29.29 24.77 3.02
N SER C 137 -30.25 24.77 2.09
CA SER C 137 -31.67 24.67 2.42
C SER C 137 -32.05 23.20 2.47
N VAL C 138 -32.84 22.82 3.46
CA VAL C 138 -33.25 21.44 3.67
C VAL C 138 -34.76 21.36 3.52
N PHE C 139 -35.22 20.64 2.50
CA PHE C 139 -36.64 20.47 2.23
C PHE C 139 -37.05 19.02 2.41
N PRO C 140 -38.25 18.77 2.94
CA PRO C 140 -38.67 17.38 3.16
C PRO C 140 -39.02 16.69 1.85
N LEU C 141 -38.70 15.39 1.78
CA LEU C 141 -39.22 14.51 0.74
C LEU C 141 -40.24 13.64 1.47
N ALA C 142 -41.49 14.11 1.49
CA ALA C 142 -42.51 13.52 2.34
C ALA C 142 -43.00 12.19 1.77
N PRO C 143 -43.15 11.18 2.61
CA PRO C 143 -43.74 9.91 2.13
C PRO C 143 -45.20 10.09 1.77
N SER C 144 -45.62 9.40 0.71
CA SER C 144 -46.99 9.45 0.25
C SER C 144 -47.32 8.12 -0.41
N SER C 145 -48.55 8.01 -0.92
CA SER C 145 -48.92 6.83 -1.69
C SER C 145 -48.03 6.67 -2.91
N LYS C 146 -47.51 7.78 -3.45
CA LYS C 146 -46.61 7.77 -4.59
C LYS C 146 -45.18 7.39 -4.21
N SER C 147 -44.90 7.18 -2.92
CA SER C 147 -43.61 6.67 -2.47
C SER C 147 -43.80 5.42 -1.61
N THR C 148 -44.91 4.70 -1.80
CA THR C 148 -45.18 3.45 -1.11
C THR C 148 -45.51 2.41 -2.17
N SER C 149 -44.55 1.54 -2.47
CA SER C 149 -44.76 0.52 -3.50
C SER C 149 -45.53 -0.67 -2.94
N GLY C 150 -45.10 -1.21 -1.80
CA GLY C 150 -45.81 -2.29 -1.16
C GLY C 150 -45.99 -2.03 0.33
N GLY C 151 -45.43 -2.91 1.16
CA GLY C 151 -45.33 -2.61 2.57
C GLY C 151 -44.21 -1.66 2.94
N THR C 152 -43.52 -1.10 1.95
CA THR C 152 -42.35 -0.25 2.16
C THR C 152 -42.64 1.17 1.70
N ALA C 153 -42.23 2.15 2.51
CA ALA C 153 -42.34 3.55 2.16
C ALA C 153 -40.96 4.20 2.15
N ALA C 154 -40.80 5.15 1.24
CA ALA C 154 -39.56 5.90 1.11
C ALA C 154 -39.81 7.36 1.45
N LEU C 155 -38.91 7.92 2.25
CA LEU C 155 -38.94 9.34 2.62
C LEU C 155 -37.50 9.83 2.69
N GLY C 156 -37.34 11.15 2.75
CA GLY C 156 -35.99 11.68 2.83
C GLY C 156 -35.96 13.19 2.93
N CYS C 157 -34.76 13.73 2.72
CA CYS C 157 -34.48 15.15 2.77
C CYS C 157 -33.74 15.57 1.50
N LEU C 158 -34.11 16.73 0.96
CA LEU C 158 -33.40 17.34 -0.15
C LEU C 158 -32.54 18.48 0.39
N VAL C 159 -31.22 18.34 0.27
CA VAL C 159 -30.24 19.27 0.82
C VAL C 159 -29.69 20.08 -0.35
N LYS C 160 -30.11 21.34 -0.47
CA LYS C 160 -29.99 22.07 -1.72
C LYS C 160 -29.21 23.37 -1.55
N ASP C 161 -28.40 23.69 -2.57
CA ASP C 161 -27.77 24.99 -2.73
C ASP C 161 -26.79 25.31 -1.61
N TYR C 162 -25.73 24.49 -1.52
CA TYR C 162 -24.65 24.76 -0.57
C TYR C 162 -23.33 24.75 -1.32
N PHE C 163 -22.30 25.32 -0.67
CA PHE C 163 -20.94 25.33 -1.20
C PHE C 163 -19.99 25.58 -0.05
N PRO C 164 -18.86 24.87 0.03
CA PRO C 164 -18.50 23.75 -0.86
C PRO C 164 -18.93 22.42 -0.28
N GLU C 165 -18.54 21.34 -0.94
CA GLU C 165 -18.66 20.01 -0.34
C GLU C 165 -17.74 19.91 0.87
N PRO C 166 -18.05 19.05 1.84
CA PRO C 166 -19.23 18.18 1.88
C PRO C 166 -20.31 18.63 2.88
N VAL C 167 -21.45 17.95 2.85
CA VAL C 167 -22.41 17.93 3.95
C VAL C 167 -22.45 16.52 4.49
N THR C 168 -22.79 16.39 5.76
CA THR C 168 -23.04 15.09 6.38
C THR C 168 -24.48 15.03 6.83
N VAL C 169 -25.19 13.98 6.44
CA VAL C 169 -26.59 13.78 6.79
C VAL C 169 -26.68 12.52 7.64
N SER C 170 -27.37 12.63 8.76
CA SER C 170 -27.72 11.48 9.58
C SER C 170 -29.23 11.48 9.78
N TRP C 171 -29.76 10.35 10.25
CA TRP C 171 -31.19 10.22 10.51
C TRP C 171 -31.40 9.85 11.97
N ASN C 172 -32.28 10.60 12.64
CA ASN C 172 -32.57 10.41 14.06
C ASN C 172 -31.27 10.35 14.87
N SER C 173 -30.39 11.31 14.61
CA SER C 173 -29.13 11.46 15.34
C SER C 173 -28.26 10.21 15.22
N GLY C 174 -28.36 9.48 14.12
CA GLY C 174 -27.59 8.28 13.90
C GLY C 174 -28.22 7.00 14.39
N ALA C 175 -29.38 7.08 15.06
CA ALA C 175 -30.08 5.88 15.50
C ALA C 175 -30.75 5.13 14.35
N LEU C 176 -30.83 5.73 13.17
CA LEU C 176 -31.47 5.12 12.00
C LEU C 176 -30.44 5.05 10.88
N THR C 177 -29.95 3.84 10.59
CA THR C 177 -28.96 3.63 9.55
C THR C 177 -29.39 2.63 8.47
N SER C 178 -30.17 1.60 8.84
CA SER C 178 -30.61 0.62 7.86
C SER C 178 -31.58 1.25 6.86
N GLY C 179 -31.32 1.05 5.58
CA GLY C 179 -32.16 1.57 4.52
C GLY C 179 -31.84 2.97 4.06
N VAL C 180 -30.80 3.59 4.61
CA VAL C 180 -30.47 4.97 4.28
C VAL C 180 -29.56 4.98 3.06
N HIS C 181 -29.90 5.82 2.09
CA HIS C 181 -29.05 6.08 0.93
C HIS C 181 -28.88 7.59 0.82
N THR C 182 -27.68 8.07 1.09
CA THR C 182 -27.33 9.47 0.86
C THR C 182 -26.56 9.54 -0.46
N PHE C 183 -27.16 10.18 -1.45
CA PHE C 183 -26.58 10.16 -2.78
C PHE C 183 -25.43 11.14 -2.90
N PRO C 184 -24.48 10.87 -3.80
CA PRO C 184 -23.42 11.85 -4.04
C PRO C 184 -24.01 13.15 -4.58
N ALA C 185 -23.37 14.26 -4.22
CA ALA C 185 -23.88 15.56 -4.59
C ALA C 185 -23.66 15.83 -6.07
N VAL C 186 -24.62 16.50 -6.69
CA VAL C 186 -24.48 17.02 -8.05
C VAL C 186 -24.23 18.51 -7.99
N LEU C 187 -23.38 19.01 -8.88
CA LEU C 187 -23.08 20.43 -8.97
C LEU C 187 -23.99 21.06 -10.03
N GLN C 188 -24.85 21.99 -9.61
CA GLN C 188 -25.79 22.54 -10.58
C GLN C 188 -25.21 23.79 -11.24
N SER C 189 -25.94 24.31 -12.23
CA SER C 189 -25.42 25.38 -13.07
C SER C 189 -25.12 26.64 -12.28
N SER C 190 -25.73 26.81 -11.10
CA SER C 190 -25.46 27.98 -10.26
C SER C 190 -24.11 27.93 -9.57
N GLY C 191 -23.38 26.81 -9.66
CA GLY C 191 -22.16 26.65 -8.91
C GLY C 191 -22.34 26.13 -7.50
N LEU C 192 -23.57 25.78 -7.11
CA LEU C 192 -23.88 25.24 -5.79
C LEU C 192 -24.19 23.77 -5.89
N TYR C 193 -23.97 23.04 -4.79
CA TYR C 193 -24.23 21.62 -4.75
C TYR C 193 -25.64 21.33 -4.25
N SER C 194 -26.11 20.13 -4.57
CA SER C 194 -27.40 19.67 -4.08
C SER C 194 -27.35 18.15 -3.98
N LEU C 195 -27.92 17.61 -2.91
CA LEU C 195 -28.05 16.17 -2.78
C LEU C 195 -29.36 15.83 -2.09
N SER C 196 -29.72 14.56 -2.17
CA SER C 196 -30.85 14.02 -1.44
C SER C 196 -30.39 12.85 -0.60
N SER C 197 -31.03 12.69 0.56
CA SER C 197 -30.82 11.53 1.43
C SER C 197 -32.17 10.90 1.69
N VAL C 198 -32.32 9.62 1.34
CA VAL C 198 -33.59 8.92 1.46
C VAL C 198 -33.40 7.71 2.35
N VAL C 199 -34.52 7.19 2.86
CA VAL C 199 -34.52 5.98 3.66
C VAL C 199 -35.84 5.26 3.43
N THR C 200 -35.77 3.95 3.24
CA THR C 200 -36.96 3.12 3.09
C THR C 200 -37.32 2.54 4.44
N VAL C 201 -38.57 2.72 4.85
CA VAL C 201 -39.04 2.26 6.16
C VAL C 201 -40.34 1.51 5.98
N PRO C 202 -40.70 0.64 6.92
CA PRO C 202 -42.00 -0.02 6.86
C PRO C 202 -43.12 0.99 6.93
N SER C 203 -44.03 0.92 5.96
CA SER C 203 -45.14 1.88 5.89
C SER C 203 -46.00 1.84 7.13
N SER C 204 -45.97 0.74 7.90
CA SER C 204 -46.72 0.68 9.14
C SER C 204 -46.20 1.66 10.18
N SER C 205 -44.88 1.91 10.18
CA SER C 205 -44.27 2.77 11.19
C SER C 205 -44.43 4.25 10.92
N LEU C 206 -45.11 4.63 9.84
CA LEU C 206 -45.16 6.04 9.46
C LEU C 206 -45.94 6.87 10.47
N GLY C 207 -47.03 6.29 11.02
CA GLY C 207 -47.80 7.01 12.02
C GLY C 207 -47.22 6.97 13.41
N THR C 208 -46.37 5.98 13.70
CA THR C 208 -45.83 5.78 15.05
C THR C 208 -44.44 6.36 15.23
N GLN C 209 -43.56 6.22 14.24
CA GLN C 209 -42.17 6.63 14.37
C GLN C 209 -41.98 8.04 13.80
N THR C 210 -41.12 8.82 14.44
CA THR C 210 -40.73 10.14 13.97
C THR C 210 -39.39 10.06 13.24
N TYR C 211 -39.26 10.84 12.17
CA TYR C 211 -38.09 10.80 11.30
C TYR C 211 -37.49 12.19 11.17
N ILE C 212 -36.28 12.37 11.72
CA ILE C 212 -35.54 13.62 11.67
C ILE C 212 -34.27 13.39 10.86
N CYS C 213 -34.02 14.24 9.87
CA CYS C 213 -32.73 14.23 9.20
C CYS C 213 -31.89 15.36 9.76
N ASN C 214 -30.65 15.04 10.11
CA ASN C 214 -29.71 15.98 10.72
C ASN C 214 -28.65 16.31 9.69
N VAL C 215 -28.63 17.55 9.23
CA VAL C 215 -27.71 18.00 8.20
C VAL C 215 -26.66 18.90 8.85
N ASN C 216 -25.39 18.60 8.58
CA ASN C 216 -24.28 19.41 9.09
C ASN C 216 -23.43 19.87 7.92
N HIS C 217 -23.26 21.17 7.78
CA HIS C 217 -22.38 21.77 6.79
C HIS C 217 -21.33 22.59 7.52
N LYS C 218 -20.23 21.94 7.89
CA LYS C 218 -19.20 22.62 8.68
C LYS C 218 -18.60 23.85 8.00
N PRO C 219 -18.33 23.86 6.68
CA PRO C 219 -17.67 25.04 6.09
C PRO C 219 -18.43 26.34 6.30
N SER C 220 -19.75 26.28 6.48
CA SER C 220 -20.55 27.46 6.76
C SER C 220 -21.07 27.49 8.20
N ASN C 221 -20.67 26.53 9.05
CA ASN C 221 -21.10 26.45 10.44
C ASN C 221 -22.63 26.43 10.56
N THR C 222 -23.26 25.54 9.79
CA THR C 222 -24.71 25.40 9.74
C THR C 222 -25.10 23.98 10.10
N LYS C 223 -25.97 23.84 11.12
CA LYS C 223 -26.64 22.58 11.43
C LYS C 223 -28.13 22.79 11.25
N VAL C 224 -28.78 21.88 10.54
CA VAL C 224 -30.23 21.91 10.32
C VAL C 224 -30.81 20.58 10.74
N ASP C 225 -31.82 20.61 11.59
CA ASP C 225 -32.62 19.44 11.93
C ASP C 225 -34.00 19.65 11.32
N LYS C 226 -34.44 18.70 10.50
CA LYS C 226 -35.71 18.80 9.80
C LYS C 226 -36.48 17.49 9.98
N ARG C 227 -37.72 17.59 10.46
CA ARG C 227 -38.57 16.42 10.59
C ARG C 227 -39.38 16.21 9.32
N VAL C 228 -39.39 14.99 8.83
CA VAL C 228 -40.14 14.62 7.64
C VAL C 228 -41.42 13.93 8.08
N GLU C 229 -42.56 14.48 7.70
CA GLU C 229 -43.85 13.94 8.07
C GLU C 229 -44.65 13.57 6.82
N PRO C 230 -45.57 12.61 6.93
CA PRO C 230 -46.41 12.26 5.77
C PRO C 230 -47.17 13.48 5.25
N LYS C 231 -47.38 13.52 3.94
CA LYS C 231 -48.09 14.63 3.31
C LYS C 231 -49.58 14.59 3.63
C1 NAG D . 14.46 -22.52 -7.16
C2 NAG D . 14.03 -23.97 -6.90
C3 NAG D . 12.90 -24.37 -7.84
C4 NAG D . 11.77 -23.35 -7.81
C5 NAG D . 12.32 -21.94 -8.02
C6 NAG D . 11.27 -20.85 -7.85
C7 NAG D . 15.71 -25.54 -6.04
C8 NAG D . 16.88 -26.42 -6.37
N2 NAG D . 15.17 -24.86 -7.06
O3 NAG D . 12.39 -25.64 -7.46
O4 NAG D . 10.87 -23.67 -8.87
O5 NAG D . 13.33 -21.67 -7.05
O6 NAG D . 10.52 -21.06 -6.65
O7 NAG D . 15.28 -25.44 -4.90
C1 NAG D . 9.51 -23.69 -8.39
C2 NAG D . 8.63 -23.65 -9.62
C3 NAG D . 7.16 -23.62 -9.21
C4 NAG D . 6.85 -24.78 -8.27
C5 NAG D . 7.86 -24.87 -7.12
C6 NAG D . 7.71 -26.12 -6.31
C7 NAG D . 9.73 -22.58 -11.54
C8 NAG D . 9.96 -21.29 -12.27
N2 NAG D . 8.95 -22.50 -10.46
O3 NAG D . 6.35 -23.69 -10.37
O4 NAG D . 5.57 -24.57 -7.68
O5 NAG D . 9.20 -24.85 -7.62
O6 NAG D . 8.95 -26.56 -5.78
O7 NAG D . 10.24 -23.64 -11.90
C1 BMA D . 4.55 -25.29 -8.40
C2 BMA D . 3.40 -25.45 -7.43
C3 BMA D . 2.23 -26.14 -8.12
C4 BMA D . 1.88 -25.44 -9.46
C5 BMA D . 3.15 -25.29 -10.32
C6 BMA D . 2.91 -24.55 -11.63
O2 BMA D . 2.92 -24.19 -7.01
O3 BMA D . 1.09 -26.17 -7.26
O4 BMA D . 0.92 -26.18 -10.16
O5 BMA D . 4.13 -24.58 -9.56
O6 BMA D . 4.07 -24.68 -12.45
C1 MAN D . 0.90 -27.47 -6.68
C2 MAN D . -0.44 -27.44 -5.85
C3 MAN D . -0.24 -26.71 -4.50
C4 MAN D . 0.99 -27.25 -3.76
C5 MAN D . 2.22 -27.10 -4.65
C6 MAN D . 3.51 -27.58 -4.02
O2 MAN D . -0.92 -28.74 -5.52
O3 MAN D . -1.40 -26.79 -3.67
O4 MAN D . 1.19 -26.51 -2.56
O5 MAN D . 2.01 -27.87 -5.87
O6 MAN D . 4.58 -27.07 -4.81
C1 FUC D . 9.29 -20.30 -6.75
C2 FUC D . 8.44 -20.60 -5.49
C3 FUC D . 9.06 -19.95 -4.23
C4 FUC D . 9.24 -18.45 -4.45
C5 FUC D . 10.07 -18.21 -5.71
C6 FUC D . 10.17 -16.73 -6.08
O2 FUC D . 8.25 -22.00 -5.28
O3 FUC D . 8.20 -20.15 -3.10
O4 FUC D . 7.97 -17.83 -4.59
O5 FUC D . 9.54 -18.90 -6.88
C1 NAG E . 21.48 -25.75 19.93
C2 NAG E . 21.76 -26.73 21.07
C3 NAG E . 23.20 -27.23 20.99
C4 NAG E . 23.47 -27.85 19.61
C5 NAG E . 23.12 -26.84 18.52
C6 NAG E . 23.21 -27.43 17.13
C7 NAG E . 20.42 -26.40 23.08
C8 NAG E . 20.30 -25.69 24.40
N2 NAG E . 21.51 -26.12 22.36
O3 NAG E . 23.43 -28.20 22.01
O4 NAG E . 24.84 -28.21 19.52
O5 NAG E . 21.76 -26.40 18.67
O6 NAG E . 21.92 -27.58 16.55
O7 NAG E . 19.55 -27.18 22.69
C1 NAG E . 24.93 -29.64 19.32
C2 NAG E . 26.23 -29.94 18.60
C3 NAG E . 26.35 -31.45 18.34
C4 NAG E . 26.19 -32.22 19.65
C5 NAG E . 24.94 -31.77 20.43
C6 NAG E . 24.87 -32.34 21.82
C7 NAG E . 27.10 -28.12 17.21
C8 NAG E . 27.09 -27.48 15.86
N2 NAG E . 26.33 -29.21 17.35
O3 NAG E . 27.61 -31.70 17.75
O4 NAG E . 26.01 -33.62 19.40
O5 NAG E . 24.92 -30.34 20.57
O6 NAG E . 25.37 -31.42 22.79
O7 NAG E . 27.77 -27.67 18.14
C1 BMA E . 27.23 -34.34 19.07
C2 BMA E . 27.94 -34.84 20.36
C3 BMA E . 29.13 -35.73 19.97
C4 BMA E . 28.70 -36.83 18.99
C5 BMA E . 28.04 -36.19 17.76
C6 BMA E . 27.54 -37.22 16.75
O2 BMA E . 27.07 -35.65 21.14
O3 BMA E . 29.75 -36.31 21.12
O4 BMA E . 29.83 -37.59 18.59
O5 BMA E . 26.91 -35.43 18.20
O6 BMA E . 26.17 -37.49 17.04
C1 NAG F . 38.08 -16.85 -39.59
C2 NAG F . 38.13 -17.42 -38.16
C3 NAG F . 37.22 -18.64 -38.04
C4 NAG F . 35.81 -18.32 -38.54
C5 NAG F . 35.87 -17.68 -39.93
C6 NAG F . 34.52 -17.18 -40.42
C7 NAG F . 40.25 -17.00 -37.00
C8 NAG F . 41.63 -17.50 -36.73
N2 NAG F . 39.49 -17.76 -37.80
O3 NAG F . 37.17 -19.05 -36.68
O4 NAG F . 35.05 -19.53 -38.62
O5 NAG F . 36.74 -16.53 -39.92
O6 NAG F . 33.92 -16.30 -39.50
O7 NAG F . 39.82 -15.96 -36.49
C1 NAG F . 33.77 -19.52 -37.95
C2 NAG F . 32.93 -20.69 -38.51
C3 NAG F . 31.59 -20.81 -37.78
C4 NAG F . 31.78 -20.85 -36.26
C5 NAG F . 32.66 -19.67 -35.82
C6 NAG F . 33.01 -19.71 -34.34
C7 NAG F . 32.10 -19.78 -40.73
C8 NAG F . 31.41 -18.63 -40.05
N2 NAG F . 32.77 -20.67 -39.95
O3 NAG F . 30.93 -21.98 -38.23
O4 NAG F . 30.52 -20.73 -35.61
O5 NAG F . 33.90 -19.66 -36.53
O6 NAG F . 31.95 -20.26 -33.57
O7 NAG F . 32.07 -19.91 -41.94
C1 BMA F . 29.83 -21.99 -35.41
C2 BMA F . 28.78 -21.82 -34.28
C3 BMA F . 27.92 -23.09 -34.16
C4 BMA F . 27.38 -23.54 -35.52
C5 BMA F . 28.55 -23.73 -36.49
C6 BMA F . 28.11 -24.17 -37.88
O2 BMA F . 27.89 -20.75 -34.58
O3 BMA F . 26.84 -22.91 -33.24
O4 BMA F . 26.67 -24.77 -35.38
O5 BMA F . 29.23 -22.47 -36.61
O6 BMA F . 27.54 -23.05 -38.55
C1 FUC F . 37.99 -20.24 -36.49
C2 FUC F . 38.71 -20.19 -35.09
C3 FUC F . 37.72 -20.45 -33.93
C4 FUC F . 36.93 -21.73 -34.18
C5 FUC F . 36.26 -21.68 -35.57
C6 FUC F . 35.57 -22.97 -35.92
O2 FUC F . 39.44 -18.98 -34.88
O3 FUC F . 38.43 -20.61 -32.70
O4 FUC F . 37.80 -22.86 -34.10
O5 FUC F . 37.21 -21.42 -36.62
C1 NAG G . 31.51 -5.59 28.50
C2 NAG G . 31.69 -4.11 28.91
C3 NAG G . 32.98 -3.93 29.70
C4 NAG G . 33.04 -4.91 30.86
C5 NAG G . 32.86 -6.33 30.36
C6 NAG G . 32.82 -7.35 31.47
C7 NAG G . 30.59 -2.59 27.33
C8 NAG G . 30.76 -1.74 26.11
N2 NAG G . 31.67 -3.24 27.74
O3 NAG G . 33.06 -2.59 30.17
O4 NAG G . 34.29 -4.80 31.54
O5 NAG G . 31.61 -6.43 29.66
O6 NAG G . 33.84 -7.09 32.44
O7 NAG G . 29.50 -2.70 27.90
C1 GOL H . 10.92 -19.35 19.37
O1 GOL H . 11.45 -20.27 20.28
C2 GOL H . 11.34 -17.93 19.85
O2 GOL H . 12.67 -17.86 20.21
C3 GOL H . 11.04 -17.00 18.65
O3 GOL H . 9.66 -16.86 18.59
C1 GOL I . 30.37 -7.12 -8.91
O1 GOL I . 31.49 -7.63 -8.25
C2 GOL I . 29.60 -8.33 -9.47
O2 GOL I . 28.88 -8.99 -8.49
C3 GOL I . 28.68 -7.76 -10.56
O3 GOL I . 28.55 -8.76 -11.51
C1 GOL J . 46.86 -10.49 3.30
O1 GOL J . 46.61 -10.67 4.66
C2 GOL J . 45.52 -10.76 2.63
O2 GOL J . 44.55 -9.91 3.11
C3 GOL J . 45.20 -12.20 2.99
O3 GOL J . 45.04 -12.20 4.38
C1 GOL K . -29.73 13.49 -7.33
O1 GOL K . -30.89 13.91 -7.97
C2 GOL K . -29.31 14.62 -6.38
O2 GOL K . -29.16 15.83 -7.05
C3 GOL K . -28.00 14.14 -5.73
O3 GOL K . -28.39 13.45 -4.60
#